data_1W1P
#
_entry.id   1W1P
#
_cell.length_a   56.070
_cell.length_b   103.906
_cell.length_c   186.439
_cell.angle_alpha   90.00
_cell.angle_beta   90.00
_cell.angle_gamma   90.00
#
_symmetry.space_group_name_H-M   'P 21 21 21'
#
loop_
_entity.id
_entity.type
_entity.pdbx_description
1 polymer 'CHITINASE B'
2 non-polymer GLYCEROL
3 non-polymer 'CYCLO-(GLYCINE-L-PROLINE) INHIBITOR'
4 non-polymer 'SULFATE ION'
5 water water
#
_entity_poly.entity_id   1
_entity_poly.type   'polypeptide(L)'
_entity_poly.pdbx_seq_one_letter_code
;MSTRKAVIGYYFIPTNQINNYTETDTSVVPFPVSNITPAKAKQLTHINFSFLDINSNLECAWDPATNDAKARDVVNRLTA
LKAHNPSLRIMFSIGGWYYSNDLGVSHANYVNAVKTPASRAKFAQSCVRIMKDYGFDGVDIDWEYPQAAEVDGFIAALQE
IRTLLNQQTITDGRQALPYQLTIAGAGGAFFLSRYYSKLAQIVAPLDYINLMTYDLAGPWEKVTNHQAALFGDAAGPTFY
NALREANLGWSWEELTRAFPSPFSLTVDAAVQQHLMMEGVPSAKIVMGVPFYGRAFKGVSGGNGGQYSSHSTPGEDPYPS
TDYWLVGCEECVRDKDPRIASYRQLEQMLQGNYGYQRLWNDKTKTPYLYHAQNGLFVTYDDAESFKYKAKYIKQQQLGGV
MFWHLGQDNRNGDLLAALDRYFNAADYDDSQLDMGTGLRYTGVGPGNLPIMTAPAYVPGTTYAQGALVSYQGYVWQTKWG
YITSAPGSDSAWLKVGRVA
;
_entity_poly.pdbx_strand_id   A,B
#
loop_
_chem_comp.id
_chem_comp.type
_chem_comp.name
_chem_comp.formula
GIO non-polymer 'CYCLO-(GLYCINE-L-PROLINE) INHIBITOR' 'C7 H10 N2 O2'
GOL non-polymer GLYCEROL 'C3 H8 O3'
SO4 non-polymer 'SULFATE ION' 'O4 S -2'
#
# COMPACT_ATOMS: atom_id res chain seq x y z
N SER A 2 -6.27 -36.00 11.94
CA SER A 2 -5.80 -37.40 12.14
C SER A 2 -4.81 -37.83 11.06
N THR A 3 -4.45 -36.91 10.18
CA THR A 3 -3.45 -37.21 9.15
C THR A 3 -2.16 -37.13 9.95
N ARG A 4 -1.27 -38.09 9.78
CA ARG A 4 -0.02 -38.04 10.54
C ARG A 4 0.74 -36.77 10.21
N LYS A 5 1.29 -36.13 11.24
CA LYS A 5 2.07 -34.92 11.05
C LYS A 5 3.41 -35.34 10.47
N ALA A 6 3.90 -34.57 9.49
CA ALA A 6 5.19 -34.87 8.89
C ALA A 6 6.29 -34.57 9.91
N VAL A 7 7.35 -35.35 9.87
CA VAL A 7 8.50 -35.16 10.74
C VAL A 7 9.67 -35.28 9.77
N ILE A 8 10.17 -34.12 9.35
CA ILE A 8 11.22 -34.03 8.37
C ILE A 8 12.59 -33.69 8.96
N GLY A 9 13.49 -34.66 8.94
CA GLY A 9 14.81 -34.41 9.47
C GLY A 9 15.90 -34.36 8.40
N TYR A 10 16.74 -33.34 8.47
CA TYR A 10 17.82 -33.20 7.52
C TYR A 10 18.98 -34.14 7.88
N TYR A 11 19.53 -34.82 6.89
CA TYR A 11 20.69 -35.65 7.10
C TYR A 11 21.78 -34.94 6.29
N PHE A 12 22.71 -34.27 6.95
CA PHE A 12 23.72 -33.56 6.20
C PHE A 12 25.08 -34.20 6.33
N ILE A 13 25.73 -34.42 5.19
CA ILE A 13 27.05 -35.01 5.26
C ILE A 13 27.95 -34.35 4.24
N PRO A 14 29.02 -33.70 4.71
CA PRO A 14 29.98 -33.01 3.84
C PRO A 14 30.66 -34.01 2.93
N THR A 15 30.97 -33.55 1.73
CA THR A 15 31.62 -34.38 0.74
C THR A 15 32.80 -35.19 1.29
N ASN A 16 33.68 -34.54 2.05
CA ASN A 16 34.84 -35.25 2.56
C ASN A 16 34.44 -36.39 3.47
N GLN A 17 33.25 -36.32 4.04
CA GLN A 17 32.83 -37.41 4.91
C GLN A 17 32.25 -38.54 4.08
N ILE A 18 31.73 -38.19 2.92
CA ILE A 18 31.19 -39.20 2.03
C ILE A 18 32.38 -39.97 1.49
N ASN A 19 33.32 -39.25 0.91
CA ASN A 19 34.51 -39.85 0.32
C ASN A 19 35.32 -40.67 1.32
N ASN A 20 34.99 -40.59 2.59
CA ASN A 20 35.73 -41.34 3.61
C ASN A 20 34.76 -42.00 4.56
N TYR A 21 33.52 -42.13 4.11
CA TYR A 21 32.47 -42.70 4.93
C TYR A 21 32.91 -43.93 5.69
N THR A 22 32.38 -44.05 6.90
CA THR A 22 32.64 -45.17 7.78
C THR A 22 31.62 -45.05 8.90
N GLU A 23 31.31 -46.16 9.54
CA GLU A 23 30.32 -46.13 10.60
C GLU A 23 30.95 -46.64 11.87
N THR A 24 32.28 -46.68 11.88
CA THR A 24 32.99 -47.19 13.03
C THR A 24 33.98 -46.20 13.62
N ASP A 25 34.07 -45.00 13.04
CA ASP A 25 35.00 -44.02 13.57
C ASP A 25 34.54 -42.57 13.58
N THR A 26 33.93 -42.18 14.69
CA THR A 26 33.42 -40.83 14.90
C THR A 26 34.33 -39.70 14.45
N SER A 27 35.63 -39.86 14.65
CA SER A 27 36.57 -38.81 14.28
C SER A 27 36.40 -38.42 12.84
N VAL A 28 35.96 -39.36 12.01
CA VAL A 28 35.78 -39.09 10.58
C VAL A 28 34.33 -38.85 10.17
N VAL A 29 33.43 -39.73 10.58
CA VAL A 29 32.03 -39.56 10.26
C VAL A 29 31.28 -39.57 11.58
N PRO A 30 31.13 -38.38 12.17
CA PRO A 30 30.45 -38.15 13.45
C PRO A 30 29.05 -38.77 13.49
N PHE A 31 28.30 -38.57 12.42
CA PHE A 31 26.96 -39.11 12.39
C PHE A 31 26.67 -40.03 11.20
N PRO A 32 27.08 -41.30 11.29
CA PRO A 32 26.83 -42.26 10.20
C PRO A 32 25.35 -42.67 10.13
N VAL A 33 24.93 -43.22 9.00
CA VAL A 33 23.54 -43.61 8.83
C VAL A 33 23.07 -44.66 9.84
N SER A 34 24.00 -45.51 10.29
CA SER A 34 23.68 -46.55 11.25
C SER A 34 23.21 -45.94 12.56
N ASN A 35 23.48 -44.66 12.76
CA ASN A 35 23.04 -44.00 14.00
C ASN A 35 21.54 -43.76 13.95
N ILE A 36 20.97 -43.87 12.76
CA ILE A 36 19.53 -43.73 12.58
C ILE A 36 18.97 -45.15 12.76
N THR A 37 18.84 -45.55 14.02
CA THR A 37 18.34 -46.87 14.36
C THR A 37 16.90 -47.03 13.86
N PRO A 38 16.39 -48.27 13.87
CA PRO A 38 15.03 -48.57 13.42
C PRO A 38 14.04 -47.70 14.17
N ALA A 39 14.30 -47.52 15.46
CA ALA A 39 13.40 -46.71 16.27
C ALA A 39 13.29 -45.29 15.68
N LYS A 40 14.42 -44.73 15.30
CA LYS A 40 14.43 -43.39 14.75
C LYS A 40 13.82 -43.30 13.37
N ALA A 41 14.06 -44.33 12.55
CA ALA A 41 13.51 -44.31 11.21
C ALA A 41 11.97 -44.31 11.27
N LYS A 42 11.41 -44.93 12.30
CA LYS A 42 9.95 -45.00 12.46
C LYS A 42 9.31 -43.70 12.97
N GLN A 43 10.10 -42.84 13.59
CA GLN A 43 9.58 -41.60 14.11
C GLN A 43 9.68 -40.48 13.08
N LEU A 44 10.33 -40.78 11.96
CA LEU A 44 10.51 -39.84 10.87
C LEU A 44 9.54 -40.19 9.76
N THR A 45 9.15 -39.21 8.94
CA THR A 45 8.32 -39.46 7.79
C THR A 45 9.20 -39.14 6.60
N HIS A 46 10.15 -38.22 6.80
CA HIS A 46 11.04 -37.79 5.74
C HIS A 46 12.44 -37.53 6.25
N ILE A 47 13.44 -37.86 5.44
CA ILE A 47 14.84 -37.55 5.74
C ILE A 47 15.32 -36.76 4.52
N ASN A 48 15.73 -35.51 4.71
CA ASN A 48 16.22 -34.71 3.58
C ASN A 48 17.73 -34.90 3.45
N PHE A 49 18.17 -35.78 2.54
CA PHE A 49 19.62 -35.95 2.36
C PHE A 49 20.13 -34.66 1.76
N SER A 50 21.24 -34.14 2.29
CA SER A 50 21.76 -32.87 1.77
C SER A 50 23.29 -32.81 1.74
N PHE A 51 23.88 -32.01 0.84
CA PHE A 51 23.17 -31.17 -0.12
C PHE A 51 23.68 -31.48 -1.52
N LEU A 52 22.86 -31.21 -2.53
CA LEU A 52 23.31 -31.34 -3.90
C LEU A 52 23.30 -29.90 -4.37
N ASP A 53 23.79 -29.64 -5.57
CA ASP A 53 23.85 -28.28 -6.04
C ASP A 53 23.36 -28.25 -7.48
N ILE A 54 23.51 -27.09 -8.11
CA ILE A 54 23.16 -26.90 -9.51
C ILE A 54 24.50 -26.45 -10.10
N ASN A 55 25.07 -27.22 -11.01
CA ASN A 55 26.37 -26.85 -11.59
C ASN A 55 26.28 -25.76 -12.66
N SER A 56 27.43 -25.45 -13.26
CA SER A 56 27.47 -24.42 -14.29
C SER A 56 26.69 -24.89 -15.51
N ASN A 57 26.49 -26.20 -15.59
CA ASN A 57 25.74 -26.81 -16.68
C ASN A 57 24.23 -26.64 -16.46
N LEU A 58 23.87 -25.96 -15.36
CA LEU A 58 22.49 -25.68 -14.98
C LEU A 58 21.60 -26.89 -14.74
N GLU A 59 22.20 -27.99 -14.29
CA GLU A 59 21.43 -29.18 -14.01
C GLU A 59 21.72 -29.59 -12.56
N CYS A 60 20.81 -30.36 -11.96
CA CYS A 60 21.03 -30.82 -10.61
C CYS A 60 22.24 -31.75 -10.66
N ALA A 61 23.08 -31.73 -9.62
CA ALA A 61 24.26 -32.57 -9.59
C ALA A 61 24.97 -32.59 -8.25
N TRP A 62 25.77 -33.62 -8.04
CA TRP A 62 26.51 -33.75 -6.80
C TRP A 62 27.71 -32.83 -6.85
N ASP A 63 28.37 -32.71 -5.70
CA ASP A 63 29.58 -31.91 -5.62
C ASP A 63 30.61 -32.66 -6.46
N PRO A 64 31.28 -31.96 -7.39
CA PRO A 64 32.29 -32.56 -8.27
C PRO A 64 33.25 -33.51 -7.59
N ALA A 65 33.80 -33.09 -6.45
CA ALA A 65 34.76 -33.89 -5.72
C ALA A 65 34.18 -35.13 -5.05
N THR A 66 32.89 -35.37 -5.23
CA THR A 66 32.26 -36.53 -4.60
C THR A 66 32.62 -37.83 -5.29
N ASN A 67 32.93 -38.86 -4.50
CA ASN A 67 33.21 -40.19 -5.05
C ASN A 67 31.82 -40.83 -5.19
N ASP A 68 31.39 -41.01 -6.43
CA ASP A 68 30.07 -41.56 -6.68
C ASP A 68 29.73 -42.87 -5.99
N ALA A 69 30.59 -43.89 -6.10
CA ALA A 69 30.31 -45.17 -5.47
C ALA A 69 30.00 -44.99 -3.98
N LYS A 70 30.77 -44.11 -3.35
CA LYS A 70 30.60 -43.82 -1.93
C LYS A 70 29.21 -43.21 -1.66
N ALA A 71 28.89 -42.18 -2.44
CA ALA A 71 27.60 -41.49 -2.32
C ALA A 71 26.45 -42.46 -2.41
N ARG A 72 26.40 -43.22 -3.51
CA ARG A 72 25.35 -44.19 -3.70
C ARG A 72 25.22 -45.12 -2.51
N ASP A 73 26.36 -45.55 -1.95
CA ASP A 73 26.31 -46.45 -0.80
C ASP A 73 25.68 -45.76 0.42
N VAL A 74 26.04 -44.50 0.66
CA VAL A 74 25.48 -43.75 1.77
C VAL A 74 23.99 -43.68 1.53
N VAL A 75 23.61 -43.20 0.36
CA VAL A 75 22.21 -43.07 -0.01
C VAL A 75 21.46 -44.39 0.14
N ASN A 76 22.05 -45.47 -0.36
CA ASN A 76 21.43 -46.79 -0.23
C ASN A 76 21.28 -47.18 1.23
N ARG A 77 22.20 -46.75 2.08
CA ARG A 77 22.05 -47.08 3.51
C ARG A 77 20.79 -46.33 4.00
N LEU A 78 20.61 -45.11 3.52
CA LEU A 78 19.45 -44.31 3.90
C LEU A 78 18.15 -44.96 3.38
N THR A 79 18.01 -45.16 2.08
CA THR A 79 16.79 -45.78 1.57
C THR A 79 16.51 -47.17 2.18
N ALA A 80 17.58 -47.84 2.57
CA ALA A 80 17.47 -49.16 3.18
C ALA A 80 16.64 -49.06 4.45
N LEU A 81 16.62 -47.87 5.04
CA LEU A 81 15.84 -47.65 6.27
C LEU A 81 14.36 -47.77 6.05
N LYS A 82 13.92 -47.63 4.81
CA LYS A 82 12.50 -47.75 4.54
C LYS A 82 11.97 -49.11 4.96
N ALA A 83 12.86 -50.08 5.13
CA ALA A 83 12.43 -51.41 5.53
C ALA A 83 11.78 -51.36 6.89
N HIS A 84 12.10 -50.34 7.69
CA HIS A 84 11.54 -50.22 9.04
C HIS A 84 10.27 -49.40 9.14
N ASN A 85 10.03 -48.57 8.13
CA ASN A 85 8.90 -47.67 8.14
C ASN A 85 8.50 -47.43 6.70
N PRO A 86 7.36 -47.98 6.28
CA PRO A 86 6.85 -47.86 4.92
C PRO A 86 6.34 -46.49 4.51
N SER A 87 6.33 -45.54 5.42
CA SER A 87 5.89 -44.21 5.03
C SER A 87 7.12 -43.32 4.91
N LEU A 88 8.27 -43.86 5.30
CA LEU A 88 9.51 -43.08 5.23
C LEU A 88 9.91 -42.73 3.81
N ARG A 89 10.24 -41.47 3.60
CA ARG A 89 10.67 -41.01 2.28
C ARG A 89 12.09 -40.43 2.39
N ILE A 90 12.99 -40.84 1.50
CA ILE A 90 14.32 -40.25 1.54
C ILE A 90 14.37 -39.20 0.43
N MET A 91 14.27 -37.93 0.82
CA MET A 91 14.31 -36.83 -0.13
C MET A 91 15.74 -36.42 -0.34
N PHE A 92 16.01 -35.61 -1.35
CA PHE A 92 17.35 -35.09 -1.51
C PHE A 92 17.15 -33.59 -1.66
N SER A 93 17.97 -32.82 -0.96
CA SER A 93 17.86 -31.37 -1.00
C SER A 93 18.93 -30.74 -1.89
N ILE A 94 18.50 -29.77 -2.68
CA ILE A 94 19.36 -29.05 -3.60
C ILE A 94 19.55 -27.65 -3.08
N GLY A 95 20.80 -27.23 -2.85
CA GLY A 95 21.03 -25.88 -2.40
C GLY A 95 21.58 -25.69 -1.01
N GLY A 96 20.85 -24.97 -0.18
CA GLY A 96 21.34 -24.68 1.16
C GLY A 96 21.97 -23.30 1.10
N TRP A 97 22.23 -22.72 2.26
CA TRP A 97 22.80 -21.39 2.31
C TRP A 97 24.16 -21.26 1.63
N TYR A 98 25.04 -22.21 1.89
CA TYR A 98 26.38 -22.19 1.31
C TYR A 98 26.39 -22.06 -0.21
N TYR A 99 25.64 -22.93 -0.90
CA TYR A 99 25.63 -22.87 -2.36
C TYR A 99 24.82 -21.74 -2.96
N SER A 100 23.59 -21.59 -2.47
CA SER A 100 22.64 -20.63 -3.01
C SER A 100 22.45 -19.21 -2.50
N ASN A 101 23.06 -18.81 -1.39
CA ASN A 101 22.84 -17.43 -0.95
C ASN A 101 23.34 -16.43 -2.04
N ASP A 102 22.82 -15.21 -2.04
CA ASP A 102 23.20 -14.19 -3.04
C ASP A 102 24.72 -14.15 -3.32
N LEU A 103 25.51 -14.31 -2.26
CA LEU A 103 26.96 -14.28 -2.37
C LEU A 103 27.58 -15.67 -2.32
N GLY A 104 26.75 -16.69 -2.55
CA GLY A 104 27.23 -18.08 -2.51
C GLY A 104 27.93 -18.51 -3.79
N VAL A 105 28.70 -19.60 -3.70
CA VAL A 105 29.45 -20.09 -4.86
C VAL A 105 28.65 -20.42 -6.11
N SER A 106 27.50 -21.07 -5.96
CA SER A 106 26.77 -21.44 -7.14
C SER A 106 25.56 -20.59 -7.43
N HIS A 107 25.43 -19.48 -6.71
CA HIS A 107 24.28 -18.61 -6.88
C HIS A 107 23.86 -18.35 -8.32
N ALA A 108 24.83 -18.14 -9.20
CA ALA A 108 24.52 -17.86 -10.60
C ALA A 108 23.77 -19.01 -11.29
N ASN A 109 24.16 -20.23 -10.94
CA ASN A 109 23.54 -21.41 -11.51
C ASN A 109 22.03 -21.47 -11.20
N TYR A 110 21.66 -21.04 -10.00
CA TYR A 110 20.25 -21.04 -9.60
C TYR A 110 19.50 -19.97 -10.41
N VAL A 111 20.11 -18.80 -10.51
CA VAL A 111 19.50 -17.71 -11.26
C VAL A 111 19.28 -18.09 -12.73
N ASN A 112 20.31 -18.70 -13.33
CA ASN A 112 20.23 -19.10 -14.73
C ASN A 112 19.40 -20.35 -14.97
N ALA A 113 19.47 -21.30 -14.03
CA ALA A 113 18.72 -22.54 -14.21
C ALA A 113 17.25 -22.32 -14.50
N VAL A 114 16.64 -21.33 -13.85
CA VAL A 114 15.21 -21.03 -14.04
C VAL A 114 14.89 -19.90 -15.04
N LYS A 115 15.93 -19.36 -15.68
CA LYS A 115 15.77 -18.28 -16.64
C LYS A 115 14.79 -18.49 -17.83
N THR A 116 14.81 -19.67 -18.44
CA THR A 116 13.94 -19.92 -19.60
C THR A 116 13.33 -21.32 -19.65
N PRO A 117 12.33 -21.52 -20.51
CA PRO A 117 11.69 -22.83 -20.64
C PRO A 117 12.71 -23.93 -20.87
N ALA A 118 13.70 -23.65 -21.72
CA ALA A 118 14.72 -24.65 -22.01
C ALA A 118 15.54 -24.98 -20.77
N SER A 119 16.07 -23.95 -20.11
CA SER A 119 16.88 -24.19 -18.90
C SER A 119 16.00 -24.87 -17.85
N ARG A 120 14.76 -24.43 -17.73
CA ARG A 120 13.84 -25.02 -16.76
C ARG A 120 13.60 -26.50 -17.05
N ALA A 121 13.17 -26.81 -18.26
CA ALA A 121 12.94 -28.22 -18.62
C ALA A 121 14.23 -29.01 -18.40
N LYS A 122 15.34 -28.41 -18.78
CA LYS A 122 16.63 -29.10 -18.60
C LYS A 122 16.88 -29.32 -17.11
N PHE A 123 16.65 -28.28 -16.31
CA PHE A 123 16.87 -28.41 -14.88
C PHE A 123 15.92 -29.46 -14.30
N ALA A 124 14.63 -29.25 -14.50
CA ALA A 124 13.59 -30.14 -13.99
C ALA A 124 13.95 -31.57 -14.31
N GLN A 125 14.16 -31.83 -15.60
CA GLN A 125 14.49 -33.18 -16.05
C GLN A 125 15.72 -33.72 -15.29
N SER A 126 16.69 -32.88 -14.98
CA SER A 126 17.85 -33.39 -14.25
C SER A 126 17.47 -33.77 -12.81
N CYS A 127 16.53 -33.02 -12.22
CA CYS A 127 16.09 -33.31 -10.85
C CYS A 127 15.46 -34.68 -10.78
N VAL A 128 14.59 -34.97 -11.73
CA VAL A 128 13.92 -36.25 -11.72
C VAL A 128 14.92 -37.38 -12.04
N ARG A 129 15.86 -37.12 -12.92
CA ARG A 129 16.86 -38.12 -13.30
C ARG A 129 17.71 -38.51 -12.10
N ILE A 130 18.10 -37.50 -11.33
CA ILE A 130 18.90 -37.71 -10.14
C ILE A 130 18.08 -38.52 -9.12
N MET A 131 16.82 -38.10 -8.92
CA MET A 131 15.95 -38.80 -7.99
C MET A 131 15.92 -40.29 -8.31
N LYS A 132 15.48 -40.61 -9.53
CA LYS A 132 15.37 -42.00 -9.97
C LYS A 132 16.71 -42.73 -9.93
N ASP A 133 17.76 -42.09 -10.43
CA ASP A 133 19.06 -42.74 -10.46
C ASP A 133 19.63 -43.18 -9.12
N TYR A 134 19.56 -42.31 -8.12
CA TYR A 134 20.11 -42.64 -6.83
C TYR A 134 19.10 -43.26 -5.88
N GLY A 135 17.86 -43.35 -6.34
CA GLY A 135 16.80 -43.97 -5.53
C GLY A 135 16.06 -43.11 -4.52
N PHE A 136 16.12 -41.79 -4.65
CA PHE A 136 15.43 -40.88 -3.72
C PHE A 136 13.90 -40.92 -3.92
N ASP A 137 13.16 -40.37 -2.97
CA ASP A 137 11.71 -40.38 -3.04
C ASP A 137 11.08 -39.03 -3.31
N GLY A 138 11.91 -38.00 -3.45
CA GLY A 138 11.36 -36.69 -3.73
C GLY A 138 12.46 -35.66 -3.88
N VAL A 139 12.06 -34.48 -4.34
CA VAL A 139 12.95 -33.38 -4.57
C VAL A 139 12.67 -32.22 -3.59
N ASP A 140 13.71 -31.78 -2.89
CA ASP A 140 13.57 -30.65 -1.98
C ASP A 140 14.51 -29.58 -2.48
N ILE A 141 13.98 -28.39 -2.71
CA ILE A 141 14.83 -27.32 -3.18
C ILE A 141 14.98 -26.24 -2.14
N ASP A 142 16.23 -26.01 -1.74
CA ASP A 142 16.54 -25.00 -0.73
C ASP A 142 17.34 -23.80 -1.27
N TRP A 143 16.70 -23.00 -2.12
CA TRP A 143 17.37 -21.81 -2.65
C TRP A 143 17.13 -20.66 -1.67
N GLU A 144 18.19 -20.18 -1.05
CA GLU A 144 18.08 -19.09 -0.08
C GLU A 144 18.67 -17.77 -0.58
N TYR A 145 17.92 -16.98 -1.35
CA TYR A 145 16.56 -17.26 -1.79
C TYR A 145 16.36 -16.56 -3.14
N PRO A 146 15.35 -16.97 -3.91
CA PRO A 146 15.15 -16.29 -5.20
C PRO A 146 14.61 -14.90 -4.95
N GLN A 147 15.06 -13.92 -5.74
CA GLN A 147 14.59 -12.55 -5.57
C GLN A 147 13.49 -12.22 -6.55
N ALA A 148 12.65 -11.26 -6.15
CA ALA A 148 11.49 -10.82 -6.93
C ALA A 148 11.47 -11.15 -8.43
N ALA A 149 12.48 -10.71 -9.17
CA ALA A 149 12.51 -10.95 -10.60
C ALA A 149 12.77 -12.41 -11.01
N GLU A 150 13.35 -13.20 -10.11
CA GLU A 150 13.63 -14.59 -10.41
C GLU A 150 12.49 -15.50 -9.98
N VAL A 151 11.54 -14.93 -9.25
CA VAL A 151 10.41 -15.68 -8.75
C VAL A 151 9.58 -16.38 -9.84
N ASP A 152 9.16 -15.65 -10.87
CA ASP A 152 8.38 -16.29 -11.91
C ASP A 152 9.07 -17.52 -12.49
N GLY A 153 10.39 -17.44 -12.64
CA GLY A 153 11.14 -18.57 -13.18
C GLY A 153 11.15 -19.71 -12.18
N PHE A 154 11.43 -19.37 -10.92
CA PHE A 154 11.46 -20.32 -9.83
C PHE A 154 10.11 -21.04 -9.85
N ILE A 155 9.04 -20.26 -9.81
CA ILE A 155 7.70 -20.81 -9.85
C ILE A 155 7.47 -21.74 -11.04
N ALA A 156 7.87 -21.30 -12.23
CA ALA A 156 7.65 -22.13 -13.42
C ALA A 156 8.48 -23.41 -13.33
N ALA A 157 9.61 -23.32 -12.66
CA ALA A 157 10.47 -24.48 -12.54
C ALA A 157 9.82 -25.54 -11.64
N LEU A 158 9.22 -25.07 -10.56
CA LEU A 158 8.55 -25.96 -9.62
C LEU A 158 7.38 -26.66 -10.29
N GLN A 159 6.59 -25.92 -11.07
CA GLN A 159 5.44 -26.50 -11.75
C GLN A 159 5.89 -27.60 -12.70
N GLU A 160 7.04 -27.36 -13.33
CA GLU A 160 7.62 -28.30 -14.26
C GLU A 160 8.04 -29.56 -13.52
N ILE A 161 8.67 -29.37 -12.37
CA ILE A 161 9.10 -30.49 -11.58
C ILE A 161 7.89 -31.28 -11.08
N ARG A 162 6.83 -30.57 -10.71
CA ARG A 162 5.63 -31.23 -10.23
C ARG A 162 5.07 -32.12 -11.35
N THR A 163 4.98 -31.56 -12.56
CA THR A 163 4.46 -32.28 -13.73
C THR A 163 5.24 -33.60 -13.93
N LEU A 164 6.55 -33.50 -14.03
CA LEU A 164 7.37 -34.68 -14.24
C LEU A 164 7.23 -35.72 -13.12
N LEU A 165 7.28 -35.26 -11.87
CA LEU A 165 7.16 -36.16 -10.73
C LEU A 165 5.84 -36.91 -10.78
N ASN A 166 4.75 -36.17 -10.97
CA ASN A 166 3.45 -36.81 -10.99
C ASN A 166 3.40 -37.87 -12.07
N GLN A 167 4.02 -37.57 -13.21
CA GLN A 167 4.06 -38.54 -14.30
C GLN A 167 4.90 -39.72 -13.87
N GLN A 168 5.97 -39.46 -13.14
CA GLN A 168 6.84 -40.53 -12.71
C GLN A 168 6.18 -41.44 -11.66
N THR A 169 5.36 -40.86 -10.79
CA THR A 169 4.64 -41.63 -9.77
C THR A 169 3.76 -42.67 -10.46
N ILE A 170 3.10 -42.24 -11.54
CA ILE A 170 2.24 -43.13 -12.30
C ILE A 170 3.08 -44.23 -12.93
N THR A 171 4.11 -43.84 -13.67
CA THR A 171 5.01 -44.79 -14.34
C THR A 171 5.62 -45.80 -13.37
N ASP A 172 5.81 -45.38 -12.13
CA ASP A 172 6.45 -46.26 -11.17
C ASP A 172 5.46 -46.90 -10.21
N GLY A 173 4.18 -46.69 -10.47
CA GLY A 173 3.15 -47.26 -9.62
C GLY A 173 3.30 -46.90 -8.16
N ARG A 174 3.65 -45.64 -7.89
CA ARG A 174 3.86 -45.14 -6.53
C ARG A 174 2.67 -44.37 -5.96
N GLN A 175 1.46 -44.69 -6.40
CA GLN A 175 0.28 -44.01 -5.90
C GLN A 175 0.23 -43.95 -4.36
N ALA A 176 0.61 -45.04 -3.69
CA ALA A 176 0.59 -45.09 -2.23
C ALA A 176 1.69 -44.25 -1.54
N LEU A 177 2.73 -43.88 -2.28
CA LEU A 177 3.81 -43.08 -1.73
C LEU A 177 4.36 -42.24 -2.90
N PRO A 178 3.53 -41.33 -3.43
CA PRO A 178 3.85 -40.46 -4.56
C PRO A 178 5.17 -39.74 -4.38
N TYR A 179 5.83 -39.46 -5.47
CA TYR A 179 7.06 -38.72 -5.38
C TYR A 179 6.66 -37.32 -4.91
N GLN A 180 7.51 -36.69 -4.11
CA GLN A 180 7.15 -35.36 -3.63
C GLN A 180 8.13 -34.25 -3.95
N LEU A 181 7.63 -33.03 -3.79
CA LEU A 181 8.39 -31.81 -4.04
C LEU A 181 8.14 -30.87 -2.85
N THR A 182 9.23 -30.37 -2.29
CA THR A 182 9.20 -29.45 -1.18
C THR A 182 10.31 -28.40 -1.32
N ILE A 183 10.22 -27.33 -0.54
CA ILE A 183 11.26 -26.34 -0.50
C ILE A 183 11.43 -25.88 0.94
N ALA A 184 12.64 -25.41 1.25
CA ALA A 184 12.91 -24.84 2.54
C ALA A 184 12.51 -23.39 2.29
N GLY A 185 11.58 -22.87 3.09
CA GLY A 185 11.15 -21.49 2.90
C GLY A 185 11.71 -20.58 3.98
N ALA A 186 11.78 -19.29 3.66
CA ALA A 186 12.28 -18.30 4.61
C ALA A 186 11.38 -18.36 5.83
N GLY A 187 11.97 -18.21 7.01
CA GLY A 187 11.19 -18.24 8.23
C GLY A 187 11.15 -16.87 8.92
N GLY A 188 11.55 -15.83 8.20
CA GLY A 188 11.56 -14.48 8.73
C GLY A 188 11.19 -13.48 7.64
N ALA A 189 10.38 -12.48 7.99
CA ALA A 189 9.89 -11.48 7.05
C ALA A 189 10.90 -10.91 6.07
N PHE A 190 12.10 -10.61 6.54
CA PHE A 190 13.10 -10.03 5.65
C PHE A 190 13.36 -10.82 4.38
N PHE A 191 13.80 -12.07 4.50
CA PHE A 191 14.02 -12.90 3.31
C PHE A 191 12.65 -13.27 2.68
N LEU A 192 11.63 -13.44 3.52
CA LEU A 192 10.33 -13.81 2.99
C LEU A 192 9.81 -12.76 2.01
N SER A 193 10.07 -11.47 2.30
CA SER A 193 9.60 -10.41 1.42
C SER A 193 10.07 -10.50 -0.04
N ARG A 194 11.03 -11.36 -0.32
CA ARG A 194 11.51 -11.51 -1.69
C ARG A 194 10.51 -12.18 -2.63
N TYR A 195 9.69 -13.07 -2.10
CA TYR A 195 8.72 -13.78 -2.93
C TYR A 195 7.33 -13.86 -2.31
N TYR A 196 7.17 -13.21 -1.17
CA TYR A 196 5.92 -13.23 -0.44
C TYR A 196 4.66 -12.96 -1.28
N SER A 197 4.72 -11.99 -2.18
CA SER A 197 3.55 -11.69 -3.00
C SER A 197 3.10 -12.85 -3.87
N LYS A 198 3.98 -13.81 -4.14
CA LYS A 198 3.59 -14.95 -4.97
C LYS A 198 3.63 -16.32 -4.24
N LEU A 199 3.43 -16.27 -2.93
CA LEU A 199 3.39 -17.47 -2.12
C LEU A 199 2.46 -18.53 -2.70
N ALA A 200 1.22 -18.12 -2.99
CA ALA A 200 0.24 -19.05 -3.53
C ALA A 200 0.82 -19.89 -4.68
N GLN A 201 1.37 -19.21 -5.68
CA GLN A 201 1.95 -19.91 -6.82
C GLN A 201 3.13 -20.78 -6.44
N ILE A 202 3.93 -20.31 -5.49
CA ILE A 202 5.09 -21.09 -5.07
C ILE A 202 4.69 -22.37 -4.33
N VAL A 203 3.67 -22.25 -3.49
CA VAL A 203 3.20 -23.37 -2.70
C VAL A 203 2.28 -24.33 -3.47
N ALA A 204 1.70 -23.86 -4.57
CA ALA A 204 0.79 -24.74 -5.30
C ALA A 204 1.38 -26.09 -5.72
N PRO A 205 2.56 -26.08 -6.35
CA PRO A 205 3.14 -27.36 -6.77
C PRO A 205 3.81 -28.19 -5.70
N LEU A 206 3.81 -27.68 -4.47
CA LEU A 206 4.49 -28.37 -3.39
C LEU A 206 3.64 -29.22 -2.48
N ASP A 207 4.22 -30.27 -1.92
CA ASP A 207 3.50 -31.05 -0.92
C ASP A 207 3.64 -30.26 0.41
N TYR A 208 4.82 -29.70 0.66
CA TYR A 208 5.09 -28.93 1.87
C TYR A 208 6.07 -27.77 1.63
N ILE A 209 5.95 -26.74 2.46
CA ILE A 209 6.92 -25.67 2.43
C ILE A 209 7.45 -25.67 3.88
N ASN A 210 8.72 -26.02 4.00
CA ASN A 210 9.36 -26.13 5.31
C ASN A 210 10.02 -24.81 5.65
N LEU A 211 9.36 -24.09 6.55
CA LEU A 211 9.81 -22.76 6.99
C LEU A 211 10.99 -22.87 7.89
N MET A 212 12.03 -22.12 7.58
CA MET A 212 13.21 -22.15 8.44
C MET A 212 12.96 -21.16 9.58
N THR A 213 11.96 -21.48 10.41
CA THR A 213 11.60 -20.63 11.51
C THR A 213 12.59 -20.74 12.67
N TYR A 214 13.83 -20.37 12.38
CA TYR A 214 14.91 -20.38 13.36
C TYR A 214 16.02 -19.48 12.82
N ASP A 215 17.10 -19.29 13.58
CA ASP A 215 18.14 -18.36 13.17
C ASP A 215 17.50 -16.97 13.14
N LEU A 216 16.42 -16.78 13.89
CA LEU A 216 15.76 -15.48 13.91
C LEU A 216 16.56 -14.48 14.74
N ALA A 217 17.67 -14.96 15.29
CA ALA A 217 18.59 -14.13 16.07
C ALA A 217 19.93 -14.68 15.64
N GLY A 218 20.96 -13.85 15.72
CA GLY A 218 22.30 -14.27 15.35
C GLY A 218 23.32 -13.22 15.76
N PRO A 219 24.62 -13.49 15.57
CA PRO A 219 25.64 -12.51 15.95
C PRO A 219 25.64 -11.30 15.02
N TRP A 220 24.93 -11.44 13.90
CA TRP A 220 24.82 -10.34 12.96
C TRP A 220 23.80 -9.37 13.53
N GLU A 221 23.17 -9.73 14.64
CA GLU A 221 22.20 -8.83 15.28
C GLU A 221 22.83 -8.23 16.52
N LYS A 222 22.70 -6.91 16.67
CA LYS A 222 23.26 -6.16 17.79
C LYS A 222 22.74 -6.54 19.18
N VAL A 223 21.50 -6.99 19.28
CA VAL A 223 20.99 -7.38 20.58
C VAL A 223 20.67 -8.87 20.61
N THR A 224 21.21 -9.57 21.62
CA THR A 224 21.01 -11.01 21.77
C THR A 224 19.53 -11.30 21.90
N ASN A 225 19.09 -12.40 21.31
CA ASN A 225 17.68 -12.75 21.37
C ASN A 225 17.50 -14.24 21.11
N HIS A 226 16.29 -14.74 21.38
CA HIS A 226 15.97 -16.14 21.14
C HIS A 226 15.92 -16.28 19.63
N GLN A 227 16.53 -17.35 19.11
CA GLN A 227 16.58 -17.57 17.68
C GLN A 227 15.33 -18.23 17.12
N ALA A 228 14.48 -18.73 18.01
CA ALA A 228 13.28 -19.40 17.58
C ALA A 228 12.12 -19.27 18.56
N ALA A 229 11.91 -18.05 19.05
CA ALA A 229 10.83 -17.78 19.98
C ALA A 229 9.52 -18.16 19.31
N LEU A 230 8.67 -18.93 19.98
CA LEU A 230 7.39 -19.29 19.37
C LEU A 230 6.51 -18.05 19.38
N PHE A 231 6.52 -17.33 20.49
CA PHE A 231 5.74 -16.12 20.63
C PHE A 231 6.64 -14.97 21.06
N GLY A 232 6.15 -13.76 20.90
CA GLY A 232 6.95 -12.60 21.24
C GLY A 232 6.96 -12.20 22.71
N ASP A 233 8.08 -11.60 23.09
CA ASP A 233 8.30 -11.09 24.43
C ASP A 233 8.46 -9.54 24.26
N ALA A 234 7.48 -8.78 24.72
CA ALA A 234 7.53 -7.31 24.59
C ALA A 234 8.85 -6.70 25.08
N ALA A 235 9.50 -7.37 26.02
CA ALA A 235 10.77 -6.85 26.51
C ALA A 235 11.88 -7.15 25.53
N GLY A 236 11.61 -7.95 24.50
CA GLY A 236 12.66 -8.25 23.53
C GLY A 236 12.74 -7.28 22.36
N PRO A 237 13.75 -7.39 21.49
CA PRO A 237 13.82 -6.44 20.37
C PRO A 237 12.63 -6.65 19.43
N THR A 238 12.40 -5.68 18.56
CA THR A 238 11.32 -5.79 17.58
C THR A 238 11.94 -5.44 16.25
N PHE A 239 11.22 -5.71 15.17
CA PHE A 239 11.79 -5.44 13.86
C PHE A 239 10.83 -4.82 12.88
N TYR A 240 11.45 -4.24 11.85
CA TYR A 240 10.75 -3.60 10.75
C TYR A 240 10.04 -4.72 9.99
N ASN A 241 8.73 -4.56 9.73
CA ASN A 241 7.97 -5.58 9.00
C ASN A 241 8.16 -5.42 7.50
N ALA A 242 9.19 -6.07 6.98
CA ALA A 242 9.55 -6.03 5.57
C ALA A 242 8.39 -6.34 4.63
N LEU A 243 7.46 -7.19 5.05
CA LEU A 243 6.33 -7.57 4.21
C LEU A 243 5.47 -6.38 3.71
N ARG A 244 5.39 -5.31 4.48
CA ARG A 244 4.59 -4.17 4.04
C ARG A 244 5.21 -3.47 2.81
N GLU A 245 6.44 -3.83 2.47
CA GLU A 245 7.12 -3.26 1.32
C GLU A 245 7.11 -4.19 0.11
N ALA A 246 6.47 -5.35 0.25
CA ALA A 246 6.39 -6.31 -0.87
C ALA A 246 5.46 -5.77 -1.95
N ASN A 247 5.63 -6.26 -3.17
CA ASN A 247 4.81 -5.81 -4.27
C ASN A 247 3.46 -6.49 -4.24
N LEU A 248 2.66 -6.10 -3.26
CA LEU A 248 1.34 -6.67 -3.08
C LEU A 248 0.28 -5.85 -3.79
N GLY A 249 0.58 -4.58 -4.04
CA GLY A 249 -0.39 -3.73 -4.70
C GLY A 249 -1.60 -3.44 -3.82
N TRP A 250 -1.46 -3.63 -2.50
CA TRP A 250 -2.58 -3.37 -1.58
C TRP A 250 -2.59 -1.91 -1.15
N SER A 251 -3.65 -1.51 -0.43
CA SER A 251 -3.80 -0.14 0.05
C SER A 251 -3.15 0.08 1.41
N TRP A 252 -2.92 1.34 1.75
CA TRP A 252 -2.29 1.65 3.01
C TRP A 252 -2.97 0.89 4.13
N GLU A 253 -4.30 0.94 4.15
CA GLU A 253 -5.08 0.25 5.16
C GLU A 253 -4.83 -1.25 5.13
N GLU A 254 -4.84 -1.84 3.94
CA GLU A 254 -4.63 -3.27 3.81
C GLU A 254 -3.25 -3.66 4.32
N LEU A 255 -2.22 -2.96 3.84
CA LEU A 255 -0.87 -3.25 4.28
C LEU A 255 -0.73 -3.15 5.80
N THR A 256 -1.13 -2.01 6.33
CA THR A 256 -1.01 -1.76 7.75
C THR A 256 -1.68 -2.82 8.64
N ARG A 257 -2.87 -3.27 8.25
CA ARG A 257 -3.55 -4.28 9.07
C ARG A 257 -2.91 -5.67 8.95
N ALA A 258 -2.32 -5.97 7.81
CA ALA A 258 -1.69 -7.27 7.66
C ALA A 258 -0.26 -7.30 8.18
N PHE A 259 0.37 -6.13 8.25
CA PHE A 259 1.77 -6.06 8.62
C PHE A 259 2.14 -5.03 9.69
N PRO A 260 1.69 -5.23 10.93
CA PRO A 260 2.03 -4.25 11.97
C PRO A 260 3.55 -4.15 12.06
N SER A 261 4.05 -2.97 12.36
CA SER A 261 5.50 -2.78 12.46
C SER A 261 5.86 -1.65 13.42
N PRO A 262 6.92 -1.84 14.21
CA PRO A 262 7.75 -3.05 14.22
C PRO A 262 6.96 -4.19 14.82
N PHE A 263 7.52 -5.39 14.77
CA PHE A 263 6.83 -6.57 15.33
C PHE A 263 7.83 -7.56 15.88
N SER A 264 7.31 -8.60 16.50
CA SER A 264 8.14 -9.65 17.07
C SER A 264 8.43 -10.77 16.07
N LEU A 265 9.70 -10.93 15.79
CA LEU A 265 10.18 -11.95 14.85
C LEU A 265 10.18 -13.31 15.58
N THR A 266 9.07 -14.03 15.45
CA THR A 266 8.85 -15.34 16.08
C THR A 266 8.39 -16.37 15.05
N VAL A 267 8.28 -17.62 15.50
CA VAL A 267 7.82 -18.72 14.67
C VAL A 267 6.33 -18.45 14.35
N ASP A 268 5.61 -17.95 15.35
CA ASP A 268 4.20 -17.66 15.16
C ASP A 268 3.99 -16.61 14.05
N ALA A 269 4.83 -15.59 14.04
CA ALA A 269 4.71 -14.55 13.03
C ALA A 269 4.89 -15.13 11.63
N ALA A 270 5.90 -15.97 11.45
CA ALA A 270 6.12 -16.54 10.13
C ALA A 270 4.92 -17.40 9.71
N VAL A 271 4.44 -18.28 10.60
CA VAL A 271 3.31 -19.11 10.23
C VAL A 271 2.11 -18.25 9.86
N GLN A 272 1.78 -17.31 10.72
CA GLN A 272 0.63 -16.44 10.47
C GLN A 272 0.82 -15.63 9.21
N GLN A 273 2.06 -15.24 8.94
CA GLN A 273 2.28 -14.46 7.72
C GLN A 273 1.99 -15.31 6.49
N HIS A 274 2.25 -16.61 6.57
CA HIS A 274 1.95 -17.47 5.44
C HIS A 274 0.43 -17.66 5.33
N LEU A 275 -0.24 -17.84 6.45
CA LEU A 275 -1.68 -18.05 6.45
C LEU A 275 -2.48 -16.82 6.04
N MET A 276 -1.84 -15.66 6.07
CA MET A 276 -2.55 -14.44 5.67
C MET A 276 -2.81 -14.36 4.17
N MET A 277 -2.07 -15.15 3.39
CA MET A 277 -2.22 -15.12 1.94
C MET A 277 -3.22 -16.15 1.45
N GLU A 278 -4.11 -15.71 0.57
CA GLU A 278 -5.11 -16.60 -0.02
C GLU A 278 -4.36 -17.73 -0.76
N GLY A 279 -4.94 -18.92 -0.78
CA GLY A 279 -4.31 -20.03 -1.48
C GLY A 279 -3.08 -20.66 -0.82
N VAL A 280 -2.87 -20.44 0.47
CA VAL A 280 -1.73 -21.06 1.13
C VAL A 280 -2.29 -21.88 2.28
N PRO A 281 -2.61 -23.15 2.02
CA PRO A 281 -3.16 -24.09 3.02
C PRO A 281 -2.27 -24.43 4.20
N SER A 282 -2.83 -24.32 5.40
CA SER A 282 -2.07 -24.61 6.62
C SER A 282 -1.42 -26.00 6.55
N ALA A 283 -2.16 -26.95 6.00
CA ALA A 283 -1.68 -28.33 5.88
C ALA A 283 -0.37 -28.43 5.11
N LYS A 284 -0.04 -27.43 4.31
CA LYS A 284 1.21 -27.51 3.57
C LYS A 284 2.35 -26.78 4.29
N ILE A 285 2.00 -26.06 5.36
CA ILE A 285 3.00 -25.35 6.10
C ILE A 285 3.67 -26.27 7.11
N VAL A 286 5.00 -26.32 7.06
CA VAL A 286 5.72 -27.17 8.00
C VAL A 286 6.63 -26.28 8.83
N MET A 287 6.59 -26.46 10.14
CA MET A 287 7.40 -25.65 11.05
C MET A 287 8.81 -26.17 11.30
N GLY A 288 9.80 -25.39 10.89
CA GLY A 288 11.17 -25.81 11.15
C GLY A 288 11.61 -25.51 12.58
N VAL A 289 12.40 -26.39 13.16
CA VAL A 289 12.90 -26.18 14.51
C VAL A 289 14.36 -26.57 14.48
N PRO A 290 15.21 -25.91 15.28
CA PRO A 290 16.64 -26.21 15.29
C PRO A 290 17.03 -27.22 16.37
N PHE A 291 18.01 -28.06 16.05
CA PHE A 291 18.53 -29.05 16.99
C PHE A 291 19.86 -28.55 17.52
N TYR A 292 20.07 -27.23 17.42
CA TYR A 292 21.30 -26.60 17.86
C TYR A 292 20.99 -25.22 18.45
N GLY A 293 21.94 -24.67 19.20
CA GLY A 293 21.75 -23.35 19.77
C GLY A 293 22.81 -22.39 19.25
N ARG A 294 22.55 -21.08 19.35
CA ARG A 294 23.51 -20.07 18.92
C ARG A 294 24.09 -19.42 20.18
N ALA A 295 25.41 -19.34 20.24
CA ALA A 295 26.08 -18.78 21.40
C ALA A 295 26.64 -17.38 21.15
N PHE A 296 26.52 -16.53 22.15
CA PHE A 296 27.01 -15.15 22.12
C PHE A 296 27.94 -14.94 23.31
N LYS A 297 28.93 -14.06 23.16
CA LYS A 297 29.85 -13.73 24.25
C LYS A 297 29.80 -12.23 24.46
N GLY A 298 30.19 -11.78 25.65
CA GLY A 298 30.19 -10.35 25.93
C GLY A 298 28.86 -9.78 26.35
N VAL A 299 27.98 -10.62 26.89
CA VAL A 299 26.68 -10.13 27.30
C VAL A 299 26.78 -9.61 28.71
N SER A 300 25.81 -8.82 29.14
CA SER A 300 25.82 -8.26 30.49
C SER A 300 24.64 -8.84 31.26
N GLY A 301 24.77 -8.89 32.58
CA GLY A 301 23.72 -9.46 33.41
C GLY A 301 22.49 -8.59 33.58
N GLY A 302 21.46 -9.15 34.21
CA GLY A 302 20.23 -8.41 34.42
C GLY A 302 19.00 -9.09 33.83
N ASN A 303 19.21 -9.75 32.69
CA ASN A 303 18.12 -10.47 32.03
C ASN A 303 18.61 -11.85 31.60
N GLY A 304 19.57 -12.38 32.36
CA GLY A 304 20.10 -13.68 32.06
C GLY A 304 20.79 -13.76 30.71
N GLY A 305 21.29 -12.63 30.22
CA GLY A 305 21.98 -12.61 28.94
C GLY A 305 21.10 -12.28 27.75
N GLN A 306 19.79 -12.18 28.00
CA GLN A 306 18.84 -11.87 26.94
C GLN A 306 18.84 -10.38 26.64
N TYR A 307 18.59 -10.05 25.39
CA TYR A 307 18.46 -8.66 24.95
C TYR A 307 19.62 -7.80 25.37
N SER A 308 20.79 -8.37 25.34
CA SER A 308 21.98 -7.65 25.72
C SER A 308 22.87 -7.41 24.51
N SER A 309 23.73 -6.39 24.62
CA SER A 309 24.69 -6.14 23.56
C SER A 309 25.69 -7.27 23.77
N HIS A 310 26.49 -7.56 22.76
CA HIS A 310 27.45 -8.65 22.86
C HIS A 310 28.63 -8.31 21.98
N SER A 311 29.64 -9.17 22.00
CA SER A 311 30.84 -8.95 21.21
C SER A 311 31.14 -10.16 20.33
N THR A 312 30.10 -10.74 19.75
CA THR A 312 30.28 -11.93 18.94
C THR A 312 30.47 -11.58 17.46
N PRO A 313 31.48 -12.18 16.79
CA PRO A 313 31.76 -11.92 15.37
C PRO A 313 30.69 -12.58 14.49
N GLY A 314 30.15 -11.81 13.54
CA GLY A 314 29.12 -12.34 12.65
C GLY A 314 29.65 -12.97 11.37
N GLU A 315 30.93 -12.78 11.11
CA GLU A 315 31.51 -13.32 9.89
C GLU A 315 31.55 -14.83 9.81
N ASP A 316 31.67 -15.32 8.58
CA ASP A 316 31.76 -16.73 8.27
C ASP A 316 32.86 -16.85 7.21
N PRO A 317 33.86 -17.70 7.43
CA PRO A 317 34.09 -18.57 8.58
C PRO A 317 34.38 -17.79 9.84
N TYR A 318 34.45 -18.50 10.97
CA TYR A 318 34.72 -17.87 12.26
C TYR A 318 36.05 -17.13 12.11
N PRO A 319 36.03 -15.79 12.15
CA PRO A 319 37.22 -14.96 12.00
C PRO A 319 38.17 -14.95 13.19
N SER A 320 38.29 -16.09 13.86
CA SER A 320 39.13 -16.19 15.05
C SER A 320 39.50 -17.63 15.37
N THR A 321 40.40 -17.81 16.32
CA THR A 321 40.83 -19.14 16.73
C THR A 321 40.53 -19.31 18.21
N ASP A 322 39.85 -18.30 18.75
CA ASP A 322 39.47 -18.28 20.15
C ASP A 322 38.12 -19.00 20.31
N TYR A 323 38.17 -20.22 20.81
CA TYR A 323 36.97 -21.02 21.05
C TYR A 323 36.52 -20.82 22.49
N TRP A 324 35.75 -19.77 22.69
CA TRP A 324 35.26 -19.37 23.99
C TRP A 324 34.00 -19.99 24.60
N LEU A 325 33.33 -20.90 23.89
CA LEU A 325 32.13 -21.54 24.44
C LEU A 325 32.64 -22.66 25.32
N VAL A 326 32.88 -22.35 26.58
CA VAL A 326 33.42 -23.33 27.51
C VAL A 326 32.63 -24.62 27.57
N GLY A 327 33.36 -25.72 27.51
CA GLY A 327 32.76 -27.04 27.58
C GLY A 327 32.37 -27.57 26.23
N CYS A 328 32.22 -26.69 25.24
CA CYS A 328 31.81 -27.18 23.93
C CYS A 328 32.93 -27.79 23.10
N GLU A 329 33.12 -29.10 23.23
CA GLU A 329 34.15 -29.80 22.48
C GLU A 329 33.91 -29.75 20.98
N GLU A 330 32.68 -30.07 20.56
CA GLU A 330 32.37 -30.06 19.13
C GLU A 330 32.69 -28.69 18.51
N CYS A 331 32.60 -27.62 19.29
CA CYS A 331 32.90 -26.29 18.77
C CYS A 331 34.36 -26.22 18.33
N VAL A 332 35.22 -26.96 19.04
CA VAL A 332 36.64 -27.00 18.72
C VAL A 332 36.80 -27.82 17.44
N ARG A 333 36.10 -28.96 17.38
CA ARG A 333 36.15 -29.82 16.20
C ARG A 333 35.69 -29.02 14.98
N ASP A 334 34.73 -28.13 15.18
CA ASP A 334 34.22 -27.32 14.07
C ASP A 334 34.74 -25.90 14.02
N LYS A 335 35.70 -25.58 14.89
CA LYS A 335 36.30 -24.25 14.92
C LYS A 335 35.28 -23.09 14.90
N ASP A 336 34.26 -23.20 15.73
CA ASP A 336 33.22 -22.17 15.82
C ASP A 336 32.52 -22.31 17.15
N PRO A 337 32.66 -21.31 18.01
CA PRO A 337 32.01 -21.38 19.32
C PRO A 337 30.62 -20.77 19.27
N ARG A 338 30.19 -20.35 18.08
CA ARG A 338 28.90 -19.71 17.94
C ARG A 338 27.69 -20.63 17.70
N ILE A 339 27.94 -21.91 17.48
CA ILE A 339 26.89 -22.88 17.22
C ILE A 339 27.18 -24.16 17.99
N ALA A 340 26.18 -24.71 18.66
CA ALA A 340 26.39 -25.95 19.40
C ALA A 340 25.16 -26.83 19.33
N SER A 341 25.39 -28.09 18.99
CA SER A 341 24.32 -29.07 18.90
C SER A 341 23.65 -29.28 20.27
N TYR A 342 22.36 -29.63 20.24
CA TYR A 342 21.65 -29.89 21.49
C TYR A 342 22.46 -30.92 22.28
N ARG A 343 22.96 -31.92 21.57
CA ARG A 343 23.76 -32.98 22.16
C ARG A 343 24.90 -32.45 23.02
N GLN A 344 25.69 -31.55 22.44
CA GLN A 344 26.82 -30.96 23.15
C GLN A 344 26.30 -30.08 24.31
N LEU A 345 25.27 -29.29 24.03
CA LEU A 345 24.69 -28.41 25.04
C LEU A 345 24.22 -29.23 26.25
N GLU A 346 23.56 -30.34 25.97
CA GLU A 346 23.05 -31.21 27.04
C GLU A 346 24.24 -31.61 27.92
N GLN A 347 25.33 -32.00 27.28
CA GLN A 347 26.52 -32.38 28.03
C GLN A 347 27.07 -31.19 28.83
N MET A 348 27.17 -30.02 28.21
CA MET A 348 27.66 -28.85 28.93
C MET A 348 26.84 -28.56 30.20
N LEU A 349 25.51 -28.70 30.11
CA LEU A 349 24.63 -28.45 31.24
C LEU A 349 24.90 -29.36 32.45
N GLN A 350 25.09 -30.64 32.20
CA GLN A 350 25.36 -31.56 33.28
C GLN A 350 26.84 -31.58 33.66
N GLY A 351 27.64 -30.75 33.00
CA GLY A 351 29.07 -30.73 33.28
C GLY A 351 29.67 -29.73 34.29
N ASN A 352 28.83 -28.95 34.97
CA ASN A 352 29.37 -28.00 35.95
C ASN A 352 30.36 -27.01 35.32
N TYR A 353 29.97 -26.40 34.20
CA TYR A 353 30.84 -25.46 33.49
C TYR A 353 30.43 -24.03 33.78
N GLY A 354 29.46 -23.86 34.67
CA GLY A 354 29.00 -22.52 35.03
C GLY A 354 27.77 -22.05 34.27
N TYR A 355 27.14 -22.94 33.51
CA TYR A 355 25.94 -22.57 32.75
C TYR A 355 24.68 -22.78 33.57
N GLN A 356 23.75 -21.86 33.44
CA GLN A 356 22.50 -21.95 34.15
C GLN A 356 21.36 -21.96 33.13
N ARG A 357 20.52 -23.00 33.16
CA ARG A 357 19.42 -23.07 32.21
C ARG A 357 18.25 -22.24 32.71
N LEU A 358 17.77 -21.33 31.87
CA LEU A 358 16.65 -20.48 32.21
C LEU A 358 15.53 -20.72 31.20
N TRP A 359 14.35 -20.21 31.53
CA TRP A 359 13.18 -20.40 30.68
C TRP A 359 12.42 -19.10 30.46
N ASN A 360 12.10 -18.78 29.20
CA ASN A 360 11.32 -17.59 28.97
C ASN A 360 9.92 -18.08 28.67
N ASP A 361 9.01 -17.84 29.62
CA ASP A 361 7.65 -18.29 29.50
C ASP A 361 6.75 -17.54 28.53
N LYS A 362 7.28 -16.49 27.89
CA LYS A 362 6.51 -15.77 26.87
C LYS A 362 6.86 -16.42 25.52
N THR A 363 8.15 -16.54 25.25
CA THR A 363 8.63 -17.14 23.99
C THR A 363 8.48 -18.65 24.03
N LYS A 364 8.45 -19.20 25.25
CA LYS A 364 8.33 -20.64 25.47
C LYS A 364 9.55 -21.34 24.91
N THR A 365 10.73 -20.85 25.28
CA THR A 365 12.02 -21.41 24.85
C THR A 365 13.05 -21.23 25.97
N PRO A 366 14.02 -22.16 26.05
CA PRO A 366 15.07 -22.12 27.06
C PRO A 366 16.29 -21.37 26.53
N TYR A 367 17.19 -21.03 27.44
CA TYR A 367 18.44 -20.37 27.10
C TYR A 367 19.45 -20.58 28.21
N LEU A 368 20.71 -20.45 27.88
CA LEU A 368 21.76 -20.61 28.87
C LEU A 368 22.45 -19.30 29.13
N TYR A 369 22.80 -19.10 30.40
CA TYR A 369 23.51 -17.90 30.81
C TYR A 369 24.69 -18.34 31.64
N HIS A 370 25.85 -17.80 31.31
CA HIS A 370 27.07 -18.11 32.02
C HIS A 370 27.46 -16.76 32.62
N ALA A 371 27.08 -16.57 33.88
CA ALA A 371 27.35 -15.31 34.57
C ALA A 371 28.84 -15.00 34.65
N GLN A 372 29.66 -16.01 34.88
CA GLN A 372 31.10 -15.80 35.00
C GLN A 372 31.72 -15.23 33.73
N ASN A 373 31.52 -15.91 32.62
CA ASN A 373 32.11 -15.48 31.36
C ASN A 373 31.28 -14.59 30.45
N GLY A 374 30.06 -14.25 30.85
CA GLY A 374 29.22 -13.41 30.01
C GLY A 374 28.77 -14.08 28.72
N LEU A 375 28.30 -15.32 28.82
CA LEU A 375 27.83 -16.07 27.66
C LEU A 375 26.31 -16.25 27.67
N PHE A 376 25.71 -16.31 26.47
CA PHE A 376 24.26 -16.52 26.27
C PHE A 376 24.07 -17.48 25.11
N VAL A 377 23.20 -18.46 25.31
CA VAL A 377 22.89 -19.45 24.28
C VAL A 377 21.39 -19.58 24.15
N THR A 378 20.88 -19.44 22.93
CA THR A 378 19.46 -19.60 22.67
C THR A 378 19.36 -20.92 21.93
N TYR A 379 18.49 -21.80 22.41
CA TYR A 379 18.32 -23.11 21.79
C TYR A 379 16.94 -23.69 22.09
N ASP A 380 16.62 -24.82 21.48
CA ASP A 380 15.35 -25.50 21.70
C ASP A 380 15.53 -26.88 22.37
N ASP A 381 14.48 -27.36 23.01
CA ASP A 381 14.57 -28.67 23.66
C ASP A 381 13.19 -29.33 23.79
N ALA A 382 13.17 -30.54 24.33
CA ALA A 382 11.95 -31.30 24.51
C ALA A 382 10.79 -30.49 25.11
N GLU A 383 11.13 -29.50 25.94
CA GLU A 383 10.10 -28.66 26.56
C GLU A 383 9.56 -27.62 25.59
N SER A 384 10.43 -26.92 24.87
CA SER A 384 9.94 -25.93 23.92
C SER A 384 9.18 -26.64 22.85
N PHE A 385 9.60 -27.87 22.53
CA PHE A 385 8.91 -28.62 21.51
C PHE A 385 7.48 -29.00 21.86
N LYS A 386 7.14 -28.99 23.14
CA LYS A 386 5.77 -29.30 23.51
C LYS A 386 4.84 -28.22 22.97
N TYR A 387 5.20 -26.98 23.22
CA TYR A 387 4.44 -25.85 22.77
C TYR A 387 4.43 -25.80 21.24
N LYS A 388 5.58 -26.05 20.63
CA LYS A 388 5.62 -25.99 19.18
C LYS A 388 4.78 -27.10 18.55
N ALA A 389 4.74 -28.27 19.19
CA ALA A 389 3.94 -29.37 18.68
C ALA A 389 2.45 -29.05 18.83
N LYS A 390 2.07 -28.53 19.98
CA LYS A 390 0.66 -28.19 20.18
C LYS A 390 0.29 -27.11 19.19
N TYR A 391 1.18 -26.15 18.96
CA TYR A 391 0.89 -25.07 18.00
C TYR A 391 0.66 -25.69 16.62
N ILE A 392 1.49 -26.65 16.26
CA ILE A 392 1.34 -27.31 14.96
C ILE A 392 -0.02 -28.02 14.85
N LYS A 393 -0.46 -28.64 15.94
CA LYS A 393 -1.75 -29.33 15.91
C LYS A 393 -2.88 -28.31 15.90
N GLN A 394 -2.83 -27.33 16.80
CA GLN A 394 -3.88 -26.32 16.85
C GLN A 394 -4.01 -25.55 15.55
N GLN A 395 -2.89 -25.19 14.94
CA GLN A 395 -2.91 -24.42 13.68
C GLN A 395 -3.07 -25.30 12.45
N GLN A 396 -3.20 -26.61 12.67
CA GLN A 396 -3.38 -27.54 11.58
C GLN A 396 -2.32 -27.45 10.50
N LEU A 397 -1.08 -27.35 10.96
CA LEU A 397 0.06 -27.27 10.04
C LEU A 397 0.42 -28.68 9.58
N GLY A 398 1.22 -28.76 8.54
CA GLY A 398 1.58 -30.05 7.98
C GLY A 398 2.49 -30.89 8.84
N GLY A 399 3.27 -30.24 9.69
CA GLY A 399 4.17 -31.01 10.53
C GLY A 399 5.38 -30.24 11.00
N VAL A 400 6.49 -30.93 11.21
CA VAL A 400 7.68 -30.26 11.70
C VAL A 400 8.92 -30.70 10.88
N MET A 401 9.89 -29.81 10.78
CA MET A 401 11.13 -30.08 10.05
C MET A 401 12.23 -29.63 10.99
N PHE A 402 13.41 -30.24 10.88
CA PHE A 402 14.50 -29.87 11.74
C PHE A 402 15.86 -30.09 11.11
N TRP A 403 16.80 -29.26 11.54
CA TRP A 403 18.18 -29.29 11.11
C TRP A 403 18.96 -29.46 12.39
N HIS A 404 19.68 -30.58 12.55
CA HIS A 404 19.69 -31.69 11.59
C HIS A 404 19.90 -32.90 12.49
N LEU A 405 19.75 -34.10 11.93
CA LEU A 405 19.85 -35.34 12.72
C LEU A 405 21.10 -35.60 13.56
N GLY A 406 22.25 -35.12 13.11
CA GLY A 406 23.46 -35.35 13.85
C GLY A 406 23.56 -34.48 15.09
N GLN A 407 22.60 -33.58 15.29
CA GLN A 407 22.67 -32.71 16.46
C GLN A 407 21.81 -33.15 17.62
N ASP A 408 21.03 -34.21 17.43
CA ASP A 408 20.18 -34.75 18.50
C ASP A 408 21.14 -35.53 19.38
N ASN A 409 20.75 -35.83 20.63
CA ASN A 409 21.68 -36.57 21.46
C ASN A 409 21.69 -38.03 21.02
N ARG A 410 22.64 -38.81 21.51
CA ARG A 410 22.74 -40.21 21.09
C ARG A 410 21.46 -40.99 21.28
N ASN A 411 20.63 -40.61 22.24
CA ASN A 411 19.38 -41.33 22.43
C ASN A 411 18.27 -40.87 21.47
N GLY A 412 18.57 -39.82 20.69
CA GLY A 412 17.60 -39.27 19.77
C GLY A 412 16.37 -38.71 20.49
N ASP A 413 16.60 -38.08 21.65
CA ASP A 413 15.50 -37.52 22.44
C ASP A 413 14.66 -36.41 21.79
N LEU A 414 15.25 -35.49 21.04
CA LEU A 414 14.44 -34.43 20.44
C LEU A 414 13.52 -35.04 19.41
N LEU A 415 14.02 -35.98 18.61
CA LEU A 415 13.16 -36.62 17.63
C LEU A 415 12.05 -37.39 18.35
N ALA A 416 12.40 -38.16 19.39
CA ALA A 416 11.38 -38.93 20.11
C ALA A 416 10.34 -38.03 20.77
N ALA A 417 10.75 -36.83 21.18
CA ALA A 417 9.82 -35.90 21.82
C ALA A 417 8.80 -35.43 20.81
N LEU A 418 9.29 -35.08 19.62
CA LEU A 418 8.41 -34.61 18.56
C LEU A 418 7.42 -35.72 18.20
N ASP A 419 7.92 -36.93 18.03
CA ASP A 419 7.05 -38.07 17.68
C ASP A 419 6.01 -38.34 18.78
N ARG A 420 6.44 -38.20 20.03
CA ARG A 420 5.57 -38.43 21.17
C ARG A 420 4.41 -37.42 21.17
N TYR A 421 4.74 -36.15 21.01
CA TYR A 421 3.72 -35.11 21.06
C TYR A 421 2.68 -35.21 19.98
N PHE A 422 3.04 -35.85 18.87
CA PHE A 422 2.09 -36.02 17.80
C PHE A 422 1.42 -37.38 17.85
N ASN A 423 2.15 -38.41 18.23
CA ASN A 423 1.57 -39.75 18.15
C ASN A 423 1.35 -40.63 19.37
N ALA A 424 2.00 -40.34 20.49
CA ALA A 424 1.84 -41.16 21.69
C ALA A 424 0.41 -41.09 22.24
N ALA A 425 -0.20 -42.26 22.34
CA ALA A 425 -1.57 -42.38 22.85
C ALA A 425 -1.64 -41.98 24.32
N ASP A 426 -0.51 -42.03 25.02
CA ASP A 426 -0.55 -41.66 26.44
C ASP A 426 -0.01 -40.27 26.74
N TYR A 427 0.12 -39.45 25.71
CA TYR A 427 0.58 -38.07 25.90
C TYR A 427 -0.63 -37.15 25.74
N ASP A 428 -0.84 -36.30 26.74
CA ASP A 428 -2.00 -35.40 26.79
C ASP A 428 -1.56 -33.95 27.04
N ASP A 429 -1.67 -33.10 26.03
CA ASP A 429 -1.30 -31.69 26.19
C ASP A 429 -2.53 -30.76 26.23
N SER A 430 -3.69 -31.35 26.46
CA SER A 430 -4.92 -30.58 26.57
C SER A 430 -4.78 -29.43 27.59
N GLN A 431 -4.00 -29.64 28.64
CA GLN A 431 -3.86 -28.60 29.64
C GLN A 431 -2.59 -27.77 29.51
N LEU A 432 -1.76 -28.06 28.50
CA LEU A 432 -0.54 -27.31 28.29
C LEU A 432 -0.91 -25.83 27.99
N ASP A 433 -0.43 -24.91 28.81
CA ASP A 433 -0.74 -23.50 28.63
C ASP A 433 0.15 -22.85 27.60
N MET A 434 -0.46 -22.31 26.55
CA MET A 434 0.29 -21.67 25.49
C MET A 434 0.84 -20.29 25.87
N GLY A 435 0.46 -19.81 27.06
CA GLY A 435 0.98 -18.56 27.57
C GLY A 435 0.45 -17.27 27.02
N THR A 436 1.04 -16.16 27.45
CA THR A 436 0.61 -14.85 27.02
C THR A 436 1.61 -14.14 26.10
N GLY A 437 2.60 -14.87 25.61
CA GLY A 437 3.57 -14.27 24.71
C GLY A 437 2.84 -13.58 23.58
N LEU A 438 3.47 -12.58 22.97
CA LEU A 438 2.82 -11.83 21.90
C LEU A 438 2.52 -12.65 20.63
N ARG A 439 1.26 -12.60 20.20
CA ARG A 439 0.81 -13.28 19.00
C ARG A 439 0.89 -12.32 17.82
N TYR A 440 1.03 -12.86 16.62
CA TYR A 440 1.07 -12.01 15.42
C TYR A 440 -0.40 -11.78 15.03
N THR A 441 -0.84 -10.54 15.16
CA THR A 441 -2.23 -10.17 14.92
C THR A 441 -2.60 -9.65 13.51
N GLY A 442 -1.68 -9.71 12.55
CA GLY A 442 -1.98 -9.22 11.23
C GLY A 442 -3.13 -9.93 10.56
N VAL A 443 -3.89 -9.21 9.74
CA VAL A 443 -5.02 -9.81 9.04
C VAL A 443 -4.86 -9.59 7.54
N GLY A 444 -4.99 -10.67 6.78
CA GLY A 444 -4.85 -10.55 5.35
C GLY A 444 -5.97 -11.27 4.63
N PRO A 445 -5.95 -11.29 3.31
CA PRO A 445 -6.96 -11.94 2.49
C PRO A 445 -7.14 -13.43 2.82
N GLY A 446 -6.09 -14.07 3.33
CA GLY A 446 -6.17 -15.49 3.64
C GLY A 446 -6.67 -15.85 5.02
N ASN A 447 -6.76 -14.88 5.92
CA ASN A 447 -7.24 -15.20 7.25
C ASN A 447 -8.27 -14.17 7.73
N LEU A 448 -9.19 -13.78 6.85
CA LEU A 448 -10.24 -12.82 7.24
C LEU A 448 -11.21 -13.54 8.17
N PRO A 449 -11.61 -12.88 9.27
CA PRO A 449 -12.54 -13.53 10.20
C PRO A 449 -13.92 -13.63 9.59
N ILE A 450 -14.68 -14.61 10.06
CA ILE A 450 -16.04 -14.77 9.55
C ILE A 450 -16.91 -13.74 10.27
N MET A 451 -17.79 -13.07 9.51
CA MET A 451 -18.65 -12.04 10.07
C MET A 451 -20.01 -12.06 9.38
N THR A 452 -20.93 -11.23 9.87
CA THR A 452 -22.26 -11.08 9.30
C THR A 452 -22.59 -9.59 9.18
N ALA A 453 -23.20 -9.20 8.07
CA ALA A 453 -23.54 -7.79 7.84
C ALA A 453 -24.71 -7.64 6.87
N PRO A 454 -25.55 -6.60 7.07
CA PRO A 454 -26.70 -6.37 6.19
C PRO A 454 -26.18 -6.20 4.75
N ALA A 455 -26.78 -6.92 3.81
CA ALA A 455 -26.37 -6.85 2.41
C ALA A 455 -26.33 -5.41 1.89
N TYR A 456 -25.35 -5.12 1.02
CA TYR A 456 -25.20 -3.79 0.45
C TYR A 456 -26.42 -3.43 -0.37
N VAL A 457 -26.93 -2.21 -0.17
CA VAL A 457 -28.10 -1.74 -0.91
C VAL A 457 -27.73 -0.68 -1.96
N PRO A 458 -27.74 -1.06 -3.25
CA PRO A 458 -27.40 -0.13 -4.32
C PRO A 458 -28.16 1.21 -4.23
N GLY A 459 -27.41 2.29 -4.13
CA GLY A 459 -28.04 3.60 -4.05
C GLY A 459 -28.18 4.11 -2.63
N THR A 460 -27.67 3.36 -1.66
CA THR A 460 -27.71 3.75 -0.25
C THR A 460 -26.44 4.49 0.15
N THR A 461 -26.58 5.54 0.95
CA THR A 461 -25.43 6.30 1.38
C THR A 461 -25.05 5.90 2.80
N TYR A 462 -23.78 5.53 2.99
CA TYR A 462 -23.32 5.08 4.30
C TYR A 462 -22.33 6.02 5.00
N ALA A 463 -22.46 6.04 6.32
CA ALA A 463 -21.60 6.85 7.16
C ALA A 463 -20.30 6.09 7.34
N GLN A 464 -19.37 6.68 8.08
CA GLN A 464 -18.07 6.06 8.32
C GLN A 464 -18.11 4.92 9.34
N GLY A 465 -17.44 3.83 9.03
CA GLY A 465 -17.40 2.69 9.94
C GLY A 465 -18.55 1.71 9.76
N ALA A 466 -19.33 1.91 8.70
CA ALA A 466 -20.46 1.04 8.41
C ALA A 466 -20.03 -0.31 7.85
N LEU A 467 -20.78 -1.34 8.19
CA LEU A 467 -20.50 -2.71 7.74
C LEU A 467 -21.63 -3.23 6.87
N VAL A 468 -21.27 -3.91 5.80
CA VAL A 468 -22.25 -4.46 4.88
C VAL A 468 -21.71 -5.76 4.26
N SER A 469 -22.60 -6.59 3.73
CA SER A 469 -22.16 -7.82 3.07
C SER A 469 -22.36 -7.60 1.58
N TYR A 470 -21.47 -8.15 0.78
CA TYR A 470 -21.55 -7.99 -0.66
C TYR A 470 -20.46 -8.85 -1.31
N GLN A 471 -20.84 -9.58 -2.35
CA GLN A 471 -19.91 -10.46 -3.05
C GLN A 471 -19.17 -11.41 -2.11
N GLY A 472 -19.86 -11.89 -1.08
CA GLY A 472 -19.27 -12.84 -0.16
C GLY A 472 -18.40 -12.33 0.99
N TYR A 473 -18.18 -11.02 1.04
CA TYR A 473 -17.36 -10.45 2.09
C TYR A 473 -18.10 -9.40 2.87
N VAL A 474 -17.59 -9.08 4.05
CA VAL A 474 -18.16 -8.03 4.87
C VAL A 474 -17.23 -6.83 4.66
N TRP A 475 -17.81 -5.65 4.44
CA TRP A 475 -17.00 -4.47 4.17
C TRP A 475 -17.27 -3.33 5.14
N GLN A 476 -16.26 -2.50 5.38
CA GLN A 476 -16.42 -1.36 6.27
C GLN A 476 -15.95 -0.10 5.56
N THR A 477 -16.64 1.02 5.78
CA THR A 477 -16.26 2.29 5.16
C THR A 477 -15.14 2.97 5.93
N LYS A 478 -14.17 3.51 5.21
CA LYS A 478 -13.03 4.21 5.81
C LYS A 478 -13.32 5.69 6.09
N TRP A 479 -14.43 6.19 5.57
CA TRP A 479 -14.85 7.57 5.81
C TRP A 479 -16.36 7.75 5.55
N GLY A 480 -16.86 8.99 5.64
CA GLY A 480 -18.29 9.23 5.47
C GLY A 480 -18.84 9.58 4.10
N TYR A 481 -20.17 9.52 4.02
CA TYR A 481 -20.91 9.84 2.79
C TYR A 481 -20.48 8.97 1.65
N ILE A 482 -20.55 7.67 1.86
CA ILE A 482 -20.15 6.73 0.83
C ILE A 482 -21.36 6.44 -0.05
N THR A 483 -21.20 6.71 -1.35
CA THR A 483 -22.29 6.52 -2.28
C THR A 483 -22.11 5.42 -3.34
N SER A 484 -21.07 4.61 -3.19
CA SER A 484 -20.88 3.54 -4.16
C SER A 484 -20.67 2.19 -3.51
N ALA A 485 -20.63 1.15 -4.33
CA ALA A 485 -20.50 -0.21 -3.85
C ALA A 485 -19.08 -0.71 -3.57
N PRO A 486 -18.97 -1.62 -2.61
CA PRO A 486 -17.68 -2.19 -2.24
C PRO A 486 -17.06 -2.77 -3.51
N GLY A 487 -15.77 -2.56 -3.69
CA GLY A 487 -15.10 -3.08 -4.87
C GLY A 487 -15.06 -2.09 -6.02
N SER A 488 -16.02 -1.18 -6.04
CA SER A 488 -16.09 -0.17 -7.10
C SER A 488 -15.82 1.18 -6.51
N ASP A 489 -15.85 1.23 -5.18
CA ASP A 489 -15.61 2.46 -4.44
C ASP A 489 -14.54 2.11 -3.42
N SER A 490 -13.39 2.79 -3.52
CA SER A 490 -12.28 2.50 -2.62
C SER A 490 -12.44 3.06 -1.22
N ALA A 491 -13.65 3.42 -0.84
CA ALA A 491 -13.89 3.91 0.51
C ALA A 491 -14.25 2.70 1.41
N TRP A 492 -14.36 1.52 0.82
CA TRP A 492 -14.69 0.32 1.60
C TRP A 492 -13.50 -0.59 1.86
N LEU A 493 -13.40 -1.08 3.09
CA LEU A 493 -12.34 -2.01 3.47
C LEU A 493 -12.93 -3.39 3.74
N LYS A 494 -12.48 -4.40 3.00
CA LYS A 494 -12.95 -5.77 3.20
C LYS A 494 -12.41 -6.22 4.55
N VAL A 495 -13.29 -6.48 5.52
CA VAL A 495 -12.84 -6.88 6.85
C VAL A 495 -13.30 -8.24 7.35
N GLY A 496 -14.15 -8.90 6.58
CA GLY A 496 -14.65 -10.20 6.98
C GLY A 496 -15.11 -11.03 5.80
N ARG A 497 -15.47 -12.29 6.06
CA ARG A 497 -15.91 -13.18 5.01
C ARG A 497 -17.21 -13.93 5.33
N VAL A 498 -17.80 -14.49 4.27
CA VAL A 498 -19.06 -15.23 4.34
C VAL A 498 -20.19 -14.28 4.70
N ALA A 499 -20.10 -13.66 5.77
N SER B 2 4.69 35.87 -16.84
CA SER B 2 4.66 35.67 -18.32
C SER B 2 3.24 35.51 -18.85
N THR B 3 2.89 34.31 -19.27
CA THR B 3 1.56 34.00 -19.80
C THR B 3 0.46 34.49 -18.87
N ARG B 4 -0.52 35.18 -19.44
CA ARG B 4 -1.62 35.69 -18.64
C ARG B 4 -2.29 34.59 -17.83
N LYS B 5 -2.63 34.87 -16.58
CA LYS B 5 -3.29 33.86 -15.76
C LYS B 5 -4.76 33.77 -16.15
N ALA B 6 -5.31 32.56 -16.21
CA ALA B 6 -6.72 32.44 -16.54
C ALA B 6 -7.62 32.94 -15.40
N VAL B 7 -8.80 33.42 -15.76
CA VAL B 7 -9.77 33.88 -14.79
C VAL B 7 -11.08 33.34 -15.35
N ILE B 8 -11.49 32.21 -14.79
CA ILE B 8 -12.68 31.47 -15.21
C ILE B 8 -13.86 31.66 -14.26
N GLY B 9 -14.89 32.37 -14.72
CA GLY B 9 -16.05 32.60 -13.89
C GLY B 9 -17.28 31.87 -14.38
N TYR B 10 -17.95 31.15 -13.49
CA TYR B 10 -19.15 30.42 -13.86
C TYR B 10 -20.36 31.31 -13.99
N TYR B 11 -21.12 31.13 -15.05
CA TYR B 11 -22.34 31.87 -15.20
C TYR B 11 -23.38 30.77 -15.06
N PHE B 12 -24.02 30.70 -13.91
CA PHE B 12 -25.00 29.66 -13.72
C PHE B 12 -26.42 30.18 -13.77
N ILE B 13 -27.21 29.63 -14.67
CA ILE B 13 -28.60 30.05 -14.75
C ILE B 13 -29.53 28.84 -14.80
N PRO B 14 -30.45 28.73 -13.82
CA PRO B 14 -31.41 27.61 -13.76
C PRO B 14 -32.39 27.69 -14.92
N THR B 15 -32.89 26.53 -15.31
CA THR B 15 -33.82 26.43 -16.41
C THR B 15 -35.04 27.34 -16.30
N ASN B 16 -35.62 27.46 -15.11
CA ASN B 16 -36.79 28.31 -14.97
C ASN B 16 -36.40 29.78 -15.23
N GLN B 17 -35.17 30.14 -14.92
CA GLN B 17 -34.74 31.51 -15.14
C GLN B 17 -34.51 31.74 -16.64
N ILE B 18 -33.95 30.76 -17.32
CA ILE B 18 -33.74 30.91 -18.75
C ILE B 18 -35.10 31.11 -19.40
N ASN B 19 -36.06 30.26 -19.03
CA ASN B 19 -37.40 30.33 -19.60
C ASN B 19 -38.15 31.63 -19.30
N ASN B 20 -37.76 32.34 -18.26
CA ASN B 20 -38.42 33.59 -17.91
C ASN B 20 -37.40 34.71 -17.88
N TYR B 21 -36.35 34.56 -18.67
CA TYR B 21 -35.25 35.51 -18.68
C TYR B 21 -35.68 36.96 -18.84
N THR B 22 -35.19 37.81 -17.95
CA THR B 22 -35.47 39.24 -17.99
C THR B 22 -34.33 39.98 -17.32
N GLU B 23 -34.00 41.14 -17.86
CA GLU B 23 -32.91 41.94 -17.33
C GLU B 23 -33.42 43.14 -16.55
N THR B 24 -34.67 43.09 -16.12
CA THR B 24 -35.24 44.20 -15.36
C THR B 24 -36.06 43.73 -14.17
N ASP B 25 -35.72 42.56 -13.62
CA ASP B 25 -36.45 42.05 -12.46
C ASP B 25 -35.58 41.02 -11.74
N THR B 26 -34.85 41.48 -10.74
CA THR B 26 -33.97 40.63 -9.98
C THR B 26 -34.71 39.59 -9.16
N SER B 27 -36.02 39.76 -9.02
CA SER B 27 -36.81 38.79 -8.26
C SER B 27 -37.07 37.54 -9.12
N VAL B 28 -36.92 37.68 -10.43
CA VAL B 28 -37.08 36.56 -11.36
C VAL B 28 -35.67 36.09 -11.76
N VAL B 29 -34.85 37.02 -12.24
CA VAL B 29 -33.46 36.70 -12.60
C VAL B 29 -32.54 37.60 -11.80
N PRO B 30 -31.99 37.08 -10.69
CA PRO B 30 -31.06 37.81 -9.80
C PRO B 30 -29.79 38.35 -10.47
N PHE B 31 -29.21 37.56 -11.38
CA PHE B 31 -27.99 37.97 -12.05
C PHE B 31 -28.06 37.88 -13.58
N PRO B 32 -28.66 38.89 -14.23
CA PRO B 32 -28.75 38.86 -15.70
C PRO B 32 -27.38 39.10 -16.35
N VAL B 33 -27.23 38.67 -17.59
CA VAL B 33 -25.97 38.86 -18.28
C VAL B 33 -25.65 40.34 -18.40
N SER B 34 -26.68 41.19 -18.35
CA SER B 34 -26.45 42.62 -18.47
C SER B 34 -25.64 43.17 -17.30
N ASN B 35 -25.47 42.38 -16.24
CA ASN B 35 -24.70 42.85 -15.10
C ASN B 35 -23.20 42.71 -15.38
N ILE B 36 -22.88 41.95 -16.41
CA ILE B 36 -21.49 41.78 -16.81
C ILE B 36 -21.17 42.88 -17.81
N THR B 37 -20.44 43.89 -17.35
CA THR B 37 -20.06 45.05 -18.16
C THR B 37 -18.80 44.83 -18.97
N PRO B 38 -18.50 45.78 -19.85
CA PRO B 38 -17.28 45.64 -20.64
C PRO B 38 -16.07 45.44 -19.71
N ALA B 39 -16.06 46.17 -18.61
CA ALA B 39 -14.96 46.11 -17.66
C ALA B 39 -14.79 44.70 -17.13
N LYS B 40 -15.86 44.12 -16.61
CA LYS B 40 -15.82 42.77 -16.08
C LYS B 40 -15.42 41.76 -17.15
N ALA B 41 -15.93 41.95 -18.36
CA ALA B 41 -15.62 41.06 -19.47
C ALA B 41 -14.13 41.02 -19.77
N LYS B 42 -13.50 42.17 -19.64
CA LYS B 42 -12.07 42.28 -19.90
C LYS B 42 -11.27 41.66 -18.76
N GLN B 43 -11.92 41.50 -17.62
CA GLN B 43 -11.29 40.93 -16.42
C GLN B 43 -11.35 39.40 -16.40
N LEU B 44 -12.14 38.87 -17.31
CA LEU B 44 -12.33 37.42 -17.43
C LEU B 44 -11.63 36.92 -18.68
N THR B 45 -11.25 35.66 -18.69
CA THR B 45 -10.67 35.07 -19.90
C THR B 45 -11.65 33.98 -20.33
N HIS B 46 -12.40 33.46 -19.36
CA HIS B 46 -13.38 32.42 -19.65
C HIS B 46 -14.62 32.61 -18.82
N ILE B 47 -15.78 32.36 -19.41
CA ILE B 47 -17.04 32.35 -18.66
C ILE B 47 -17.60 30.97 -18.96
N ASN B 48 -17.86 30.20 -17.92
CA ASN B 48 -18.38 28.85 -18.08
C ASN B 48 -19.91 28.88 -17.98
N PHE B 49 -20.62 28.83 -19.11
CA PHE B 49 -22.09 28.84 -19.05
C PHE B 49 -22.52 27.46 -18.50
N SER B 50 -23.41 27.45 -17.51
CA SER B 50 -23.82 26.17 -16.92
C SER B 50 -25.30 26.11 -16.54
N PHE B 51 -25.92 24.91 -16.68
CA PHE B 51 -25.28 23.67 -17.14
C PHE B 51 -26.08 23.01 -18.25
N LEU B 52 -25.38 22.25 -19.09
CA LEU B 52 -26.05 21.44 -20.09
C LEU B 52 -25.92 20.07 -19.42
N ASP B 53 -26.34 19.00 -20.09
CA ASP B 53 -26.31 17.67 -19.47
C ASP B 53 -26.02 16.63 -20.57
N ILE B 54 -26.15 15.36 -20.21
CA ILE B 54 -26.02 14.24 -21.15
C ILE B 54 -27.38 13.58 -21.02
N ASN B 55 -28.11 13.41 -22.13
CA ASN B 55 -29.44 12.82 -22.03
C ASN B 55 -29.42 11.30 -22.12
N SER B 56 -30.60 10.68 -22.06
CA SER B 56 -30.65 9.23 -22.11
C SER B 56 -30.19 8.69 -23.46
N ASN B 57 -30.22 9.53 -24.50
CA ASN B 57 -29.72 9.08 -25.81
C ASN B 57 -28.19 9.16 -25.75
N LEU B 58 -27.67 9.48 -24.56
CA LEU B 58 -26.23 9.59 -24.33
C LEU B 58 -25.55 10.65 -25.17
N GLU B 59 -26.24 11.77 -25.35
CA GLU B 59 -25.70 12.88 -26.11
C GLU B 59 -25.77 14.13 -25.24
N CYS B 60 -24.88 15.07 -25.53
CA CYS B 60 -24.84 16.33 -24.82
C CYS B 60 -26.12 17.04 -25.18
N ALA B 61 -26.79 17.63 -24.21
CA ALA B 61 -28.04 18.31 -24.49
C ALA B 61 -28.52 19.21 -23.35
N TRP B 62 -29.39 20.14 -23.71
CA TRP B 62 -30.01 21.03 -22.76
C TRP B 62 -31.08 20.25 -22.05
N ASP B 63 -31.44 20.72 -20.86
CA ASP B 63 -32.52 20.13 -20.11
C ASP B 63 -33.71 20.27 -21.08
N PRO B 64 -34.43 19.19 -21.35
CA PRO B 64 -35.58 19.20 -22.27
C PRO B 64 -36.64 20.27 -22.00
N ALA B 65 -36.77 20.67 -20.74
CA ALA B 65 -37.77 21.70 -20.37
C ALA B 65 -37.36 23.12 -20.80
N THR B 66 -36.14 23.26 -21.30
CA THR B 66 -35.63 24.55 -21.70
C THR B 66 -36.25 25.14 -22.96
N ASN B 67 -36.71 26.38 -22.88
CA ASN B 67 -37.23 27.05 -24.08
C ASN B 67 -35.96 27.32 -24.89
N ASP B 68 -35.81 26.67 -26.03
CA ASP B 68 -34.61 26.83 -26.84
C ASP B 68 -34.35 28.26 -27.32
N ALA B 69 -35.39 28.97 -27.72
CA ALA B 69 -35.17 30.33 -28.18
C ALA B 69 -34.59 31.21 -27.06
N LYS B 70 -35.11 31.04 -25.84
CA LYS B 70 -34.62 31.84 -24.71
C LYS B 70 -33.20 31.45 -24.33
N ALA B 71 -32.83 30.20 -24.56
CA ALA B 71 -31.50 29.73 -24.23
C ALA B 71 -30.50 30.38 -25.17
N ARG B 72 -30.79 30.35 -26.47
CA ARG B 72 -29.92 30.95 -27.47
C ARG B 72 -29.73 32.43 -27.17
N ASP B 73 -30.81 33.08 -26.73
CA ASP B 73 -30.74 34.50 -26.41
C ASP B 73 -29.79 34.76 -25.23
N VAL B 74 -29.89 33.94 -24.19
CA VAL B 74 -29.02 34.12 -23.03
C VAL B 74 -27.55 33.93 -23.43
N VAL B 75 -27.26 32.86 -24.15
CA VAL B 75 -25.90 32.60 -24.60
C VAL B 75 -25.44 33.73 -25.50
N ASN B 76 -26.33 34.21 -26.37
CA ASN B 76 -25.98 35.32 -27.26
C ASN B 76 -25.48 36.52 -26.49
N ARG B 77 -26.15 36.84 -25.40
CA ARG B 77 -25.78 37.98 -24.59
C ARG B 77 -24.36 37.81 -24.02
N LEU B 78 -23.99 36.56 -23.75
CA LEU B 78 -22.69 36.22 -23.23
C LEU B 78 -21.64 36.31 -24.32
N THR B 79 -21.96 35.75 -25.49
CA THR B 79 -21.00 35.76 -26.56
C THR B 79 -20.75 37.15 -27.12
N ALA B 80 -21.75 38.03 -27.00
CA ALA B 80 -21.59 39.40 -27.47
C ALA B 80 -20.52 40.11 -26.62
N LEU B 81 -20.22 39.57 -25.44
CA LEU B 81 -19.22 40.18 -24.57
C LEU B 81 -17.82 40.04 -25.19
N LYS B 82 -17.68 39.11 -26.12
CA LYS B 82 -16.40 38.88 -26.78
C LYS B 82 -15.97 40.14 -27.56
N ALA B 83 -16.92 41.02 -27.83
CA ALA B 83 -16.58 42.25 -28.55
C ALA B 83 -15.66 43.14 -27.70
N HIS B 84 -15.69 42.95 -26.38
CA HIS B 84 -14.88 43.76 -25.47
C HIS B 84 -13.56 43.12 -25.07
N ASN B 85 -13.34 41.88 -25.48
CA ASN B 85 -12.13 41.22 -25.09
C ASN B 85 -11.88 40.05 -26.05
N PRO B 86 -11.00 40.27 -27.04
CA PRO B 86 -10.60 39.30 -28.07
C PRO B 86 -10.00 38.00 -27.52
N SER B 87 -9.82 37.91 -26.20
CA SER B 87 -9.30 36.70 -25.58
C SER B 87 -10.38 35.91 -24.82
N LEU B 88 -11.53 36.55 -24.63
CA LEU B 88 -12.62 35.93 -23.87
C LEU B 88 -13.29 34.73 -24.50
N ARG B 89 -13.43 33.66 -23.72
CA ARG B 89 -14.11 32.48 -24.25
C ARG B 89 -15.34 32.20 -23.40
N ILE B 90 -16.45 31.92 -24.09
CA ILE B 90 -17.68 31.56 -23.40
C ILE B 90 -17.77 30.04 -23.56
N MET B 91 -17.37 29.33 -22.52
CA MET B 91 -17.38 27.88 -22.50
C MET B 91 -18.77 27.44 -22.12
N PHE B 92 -19.07 26.15 -22.24
CA PHE B 92 -20.33 25.68 -21.70
C PHE B 92 -19.96 24.45 -20.92
N SER B 93 -20.53 24.34 -19.71
CA SER B 93 -20.25 23.24 -18.83
C SER B 93 -21.34 22.17 -18.89
N ILE B 94 -20.91 20.92 -18.98
CA ILE B 94 -21.82 19.77 -19.01
C ILE B 94 -21.66 19.03 -17.70
N GLY B 95 -22.76 18.88 -16.96
CA GLY B 95 -22.73 18.17 -15.70
C GLY B 95 -23.12 19.03 -14.50
N GLY B 96 -22.19 19.16 -13.54
CA GLY B 96 -22.47 19.91 -12.35
C GLY B 96 -22.94 18.89 -11.33
N TRP B 97 -22.96 19.25 -10.05
CA TRP B 97 -23.40 18.30 -9.01
C TRP B 97 -24.83 17.73 -9.17
N TYR B 98 -25.82 18.58 -9.42
CA TYR B 98 -27.20 18.12 -9.56
C TYR B 98 -27.40 17.01 -10.59
N TYR B 99 -26.85 17.23 -11.78
CA TYR B 99 -26.99 16.24 -12.83
C TYR B 99 -26.12 14.99 -12.71
N SER B 100 -24.86 15.19 -12.35
CA SER B 100 -23.88 14.12 -12.32
C SER B 100 -23.40 13.44 -11.04
N ASN B 101 -23.84 13.86 -9.87
CA ASN B 101 -23.35 13.18 -8.66
C ASN B 101 -23.86 11.73 -8.76
N ASP B 102 -23.24 10.81 -8.01
CA ASP B 102 -23.64 9.40 -8.05
C ASP B 102 -25.16 9.21 -7.98
N LEU B 103 -25.83 10.02 -7.16
CA LEU B 103 -27.28 9.89 -7.02
C LEU B 103 -27.99 10.97 -7.82
N GLY B 104 -27.26 11.57 -8.75
CA GLY B 104 -27.84 12.62 -9.58
C GLY B 104 -28.88 12.14 -10.58
N VAL B 105 -29.66 13.09 -11.09
CA VAL B 105 -30.71 12.78 -12.05
C VAL B 105 -30.24 12.21 -13.39
N SER B 106 -28.99 12.45 -13.77
CA SER B 106 -28.51 11.96 -15.06
C SER B 106 -27.22 11.14 -14.99
N HIS B 107 -26.84 10.74 -13.79
CA HIS B 107 -25.61 9.99 -13.59
C HIS B 107 -25.42 8.83 -14.59
N ALA B 108 -26.42 7.96 -14.70
CA ALA B 108 -26.30 6.83 -15.61
C ALA B 108 -25.91 7.28 -17.00
N ASN B 109 -26.39 8.45 -17.42
CA ASN B 109 -26.03 8.94 -18.75
C ASN B 109 -24.53 9.22 -18.89
N TYR B 110 -23.90 9.70 -17.83
CA TYR B 110 -22.46 9.95 -17.89
C TYR B 110 -21.69 8.63 -18.00
N VAL B 111 -22.03 7.68 -17.14
CA VAL B 111 -21.36 6.38 -17.16
C VAL B 111 -21.49 5.64 -18.50
N ASN B 112 -22.69 5.61 -19.03
CA ASN B 112 -22.98 4.92 -20.27
C ASN B 112 -22.42 5.57 -21.54
N ALA B 113 -22.31 6.89 -21.56
CA ALA B 113 -21.81 7.59 -22.75
C ALA B 113 -20.32 7.40 -23.01
N VAL B 114 -19.53 7.22 -21.94
CA VAL B 114 -18.10 7.03 -22.08
C VAL B 114 -17.71 5.57 -22.21
N LYS B 115 -18.71 4.69 -22.24
CA LYS B 115 -18.46 3.25 -22.30
C LYS B 115 -17.70 2.63 -23.48
N THR B 116 -18.05 3.00 -24.70
CA THR B 116 -17.42 2.38 -25.85
C THR B 116 -16.96 3.36 -26.92
N PRO B 117 -16.13 2.89 -27.87
CA PRO B 117 -15.68 3.80 -28.92
C PRO B 117 -16.90 4.49 -29.56
N ALA B 118 -17.93 3.70 -29.86
CA ALA B 118 -19.16 4.21 -30.45
C ALA B 118 -19.85 5.23 -29.55
N SER B 119 -20.13 4.87 -28.29
CA SER B 119 -20.80 5.83 -27.40
C SER B 119 -19.95 7.09 -27.29
N ARG B 120 -18.64 6.92 -27.17
CA ARG B 120 -17.76 8.06 -27.05
C ARG B 120 -17.78 8.94 -28.31
N ALA B 121 -17.64 8.33 -29.48
CA ALA B 121 -17.67 9.08 -30.73
C ALA B 121 -18.95 9.90 -30.81
N LYS B 122 -20.07 9.24 -30.52
CA LYS B 122 -21.38 9.88 -30.56
C LYS B 122 -21.46 11.03 -29.56
N PHE B 123 -20.94 10.81 -28.35
CA PHE B 123 -20.98 11.86 -27.35
C PHE B 123 -20.10 13.04 -27.76
N ALA B 124 -18.83 12.72 -28.01
CA ALA B 124 -17.89 13.74 -28.44
C ALA B 124 -18.48 14.56 -29.59
N GLN B 125 -18.99 13.89 -30.62
CA GLN B 125 -19.57 14.60 -31.74
C GLN B 125 -20.71 15.50 -31.30
N SER B 126 -21.51 15.05 -30.34
CA SER B 126 -22.63 15.85 -29.88
C SER B 126 -22.11 17.11 -29.17
N CYS B 127 -21.00 16.97 -28.45
CA CYS B 127 -20.43 18.12 -27.75
C CYS B 127 -20.01 19.21 -28.74
N VAL B 128 -19.41 18.81 -29.86
CA VAL B 128 -18.98 19.77 -30.87
C VAL B 128 -20.20 20.35 -31.58
N ARG B 129 -21.22 19.54 -31.82
CA ARG B 129 -22.40 20.06 -32.50
C ARG B 129 -23.12 21.11 -31.65
N ILE B 130 -23.20 20.86 -30.34
CA ILE B 130 -23.84 21.81 -29.42
C ILE B 130 -23.02 23.09 -29.45
N MET B 131 -21.72 22.94 -29.30
CA MET B 131 -20.82 24.08 -29.29
C MET B 131 -21.03 24.94 -30.52
N LYS B 132 -20.95 24.35 -31.70
CA LYS B 132 -21.15 25.12 -32.92
C LYS B 132 -22.57 25.67 -33.07
N ASP B 133 -23.59 24.86 -32.77
CA ASP B 133 -24.96 25.33 -32.92
C ASP B 133 -25.25 26.59 -32.11
N TYR B 134 -24.82 26.64 -30.85
CA TYR B 134 -25.11 27.79 -29.98
C TYR B 134 -24.07 28.89 -29.96
N GLY B 135 -22.87 28.58 -30.42
CA GLY B 135 -21.84 29.59 -30.50
C GLY B 135 -20.85 29.58 -29.36
N PHE B 136 -20.65 28.46 -28.68
CA PHE B 136 -19.69 28.42 -27.57
C PHE B 136 -18.25 28.34 -28.10
N ASP B 137 -17.28 28.61 -27.23
CA ASP B 137 -15.88 28.60 -27.62
C ASP B 137 -15.09 27.42 -27.07
N GLY B 138 -15.75 26.59 -26.27
CA GLY B 138 -15.09 25.45 -25.68
C GLY B 138 -16.05 24.57 -24.90
N VAL B 139 -15.57 23.39 -24.55
CA VAL B 139 -16.36 22.43 -23.81
C VAL B 139 -15.77 22.21 -22.42
N ASP B 140 -16.60 22.36 -21.38
CA ASP B 140 -16.14 22.09 -20.02
C ASP B 140 -16.97 20.93 -19.44
N ILE B 141 -16.32 19.91 -18.92
CA ILE B 141 -17.11 18.82 -18.36
C ILE B 141 -16.96 18.78 -16.85
N ASP B 142 -18.09 18.77 -16.17
CA ASP B 142 -18.11 18.77 -14.70
C ASP B 142 -18.82 17.55 -14.13
N TRP B 143 -18.30 16.37 -14.41
CA TRP B 143 -18.92 15.17 -13.88
C TRP B 143 -18.29 14.99 -12.49
N GLU B 144 -19.12 15.03 -11.46
CA GLU B 144 -18.65 14.90 -10.07
C GLU B 144 -19.11 13.57 -9.45
N TYR B 145 -18.35 12.49 -9.58
CA TYR B 145 -17.07 12.40 -10.28
C TYR B 145 -16.99 10.97 -10.79
N PRO B 146 -16.39 10.77 -11.96
CA PRO B 146 -16.30 9.39 -12.43
C PRO B 146 -15.44 8.63 -11.46
N GLN B 147 -15.60 7.32 -11.40
CA GLN B 147 -14.72 6.62 -10.50
C GLN B 147 -14.33 5.30 -11.05
N ALA B 148 -13.58 4.57 -10.24
CA ALA B 148 -13.16 3.23 -10.56
C ALA B 148 -13.02 2.91 -12.03
N ALA B 149 -13.92 2.02 -12.42
CA ALA B 149 -13.98 1.48 -13.75
C ALA B 149 -14.46 2.45 -14.80
N GLU B 150 -14.83 3.65 -14.38
CA GLU B 150 -15.33 4.65 -15.31
C GLU B 150 -14.24 5.58 -15.86
N VAL B 151 -13.10 5.62 -15.17
CA VAL B 151 -12.01 6.50 -15.59
C VAL B 151 -11.43 6.31 -17.00
N ASP B 152 -11.18 5.07 -17.41
CA ASP B 152 -10.62 4.84 -18.74
C ASP B 152 -11.57 5.34 -19.80
N GLY B 153 -12.87 5.17 -19.58
CA GLY B 153 -13.83 5.63 -20.57
C GLY B 153 -13.83 7.15 -20.59
N PHE B 154 -13.81 7.72 -19.40
CA PHE B 154 -13.81 9.16 -19.24
C PHE B 154 -12.62 9.72 -20.02
N ILE B 155 -11.44 9.15 -19.77
CA ILE B 155 -10.23 9.57 -20.44
C ILE B 155 -10.37 9.46 -21.96
N ALA B 156 -10.79 8.29 -22.44
CA ALA B 156 -10.92 8.10 -23.88
C ALA B 156 -11.89 9.14 -24.44
N ALA B 157 -12.94 9.45 -23.69
CA ALA B 157 -13.92 10.43 -24.17
C ALA B 157 -13.31 11.84 -24.32
N LEU B 158 -12.49 12.23 -23.37
CA LEU B 158 -11.85 13.53 -23.39
C LEU B 158 -10.86 13.60 -24.55
N GLN B 159 -10.16 12.49 -24.79
CA GLN B 159 -9.20 12.47 -25.89
C GLN B 159 -9.96 12.60 -27.21
N GLU B 160 -11.15 12.02 -27.25
CA GLU B 160 -11.93 12.09 -28.48
C GLU B 160 -12.44 13.50 -28.74
N ILE B 161 -12.90 14.16 -27.68
CA ILE B 161 -13.41 15.51 -27.81
C ILE B 161 -12.27 16.39 -28.28
N ARG B 162 -11.10 16.18 -27.69
CA ARG B 162 -9.92 16.97 -28.03
C ARG B 162 -9.63 16.86 -29.52
N THR B 163 -9.68 15.65 -30.04
CA THR B 163 -9.40 15.44 -31.45
C THR B 163 -10.44 16.18 -32.32
N LEU B 164 -11.70 16.10 -31.93
CA LEU B 164 -12.74 16.76 -32.69
C LEU B 164 -12.62 18.27 -32.60
N LEU B 165 -12.36 18.78 -31.40
CA LEU B 165 -12.24 20.23 -31.22
C LEU B 165 -11.09 20.78 -32.07
N ASN B 166 -9.97 20.06 -32.07
CA ASN B 166 -8.83 20.51 -32.84
C ASN B 166 -9.13 20.52 -34.33
N GLN B 167 -9.84 19.50 -34.84
CA GLN B 167 -10.16 19.51 -36.26
C GLN B 167 -11.14 20.63 -36.53
N GLN B 168 -11.95 20.95 -35.52
CA GLN B 168 -12.92 22.02 -35.71
C GLN B 168 -12.19 23.37 -35.72
N THR B 169 -11.13 23.50 -34.93
CA THR B 169 -10.38 24.75 -34.91
C THR B 169 -9.79 25.01 -36.30
N ILE B 170 -9.21 23.98 -36.90
CA ILE B 170 -8.62 24.13 -38.24
C ILE B 170 -9.73 24.45 -39.23
N THR B 171 -10.76 23.62 -39.23
CA THR B 171 -11.88 23.80 -40.14
C THR B 171 -12.46 25.21 -40.07
N ASP B 172 -12.52 25.80 -38.88
CA ASP B 172 -13.09 27.13 -38.77
C ASP B 172 -12.08 28.25 -38.88
N GLY B 173 -10.80 27.90 -39.03
CA GLY B 173 -9.80 28.93 -39.10
C GLY B 173 -9.78 29.70 -37.78
N ARG B 174 -9.92 28.97 -36.68
CA ARG B 174 -9.90 29.57 -35.34
C ARG B 174 -8.54 29.45 -34.64
N GLN B 175 -7.47 29.37 -35.41
CA GLN B 175 -6.12 29.26 -34.80
C GLN B 175 -5.84 30.39 -33.78
N ALA B 176 -6.37 31.58 -34.02
CA ALA B 176 -6.16 32.70 -33.09
C ALA B 176 -6.88 32.50 -31.75
N LEU B 177 -7.96 31.75 -31.74
CA LEU B 177 -8.67 31.49 -30.50
C LEU B 177 -9.24 30.07 -30.56
N PRO B 178 -8.35 29.08 -30.47
CA PRO B 178 -8.67 27.64 -30.52
C PRO B 178 -9.74 27.20 -29.53
N TYR B 179 -10.55 26.24 -29.97
CA TYR B 179 -11.58 25.68 -29.12
C TYR B 179 -10.87 24.95 -27.98
N GLN B 180 -11.40 25.10 -26.78
CA GLN B 180 -10.76 24.48 -25.63
C GLN B 180 -11.59 23.42 -24.92
N LEU B 181 -10.90 22.65 -24.12
CA LEU B 181 -11.51 21.58 -23.35
C LEU B 181 -10.98 21.67 -21.95
N THR B 182 -11.89 21.69 -20.98
CA THR B 182 -11.50 21.72 -19.58
C THR B 182 -12.43 20.82 -18.80
N ILE B 183 -12.17 20.69 -17.51
CA ILE B 183 -13.05 19.91 -16.66
C ILE B 183 -12.92 20.53 -15.30
N ALA B 184 -13.94 20.33 -14.47
CA ALA B 184 -13.88 20.80 -13.09
C ALA B 184 -13.49 19.53 -12.34
N GLY B 185 -12.50 19.62 -11.47
CA GLY B 185 -12.06 18.44 -10.75
C GLY B 185 -12.14 18.59 -9.25
N ALA B 186 -12.15 17.46 -8.55
CA ALA B 186 -12.19 17.45 -7.09
C ALA B 186 -11.13 18.37 -6.47
N GLY B 187 -11.52 19.02 -5.37
CA GLY B 187 -10.63 19.90 -4.65
C GLY B 187 -10.27 19.36 -3.28
N GLY B 188 -10.72 18.15 -2.98
CA GLY B 188 -10.43 17.51 -1.70
C GLY B 188 -10.10 16.03 -1.95
N ALA B 189 -9.21 15.46 -1.15
CA ALA B 189 -8.78 14.07 -1.35
C ALA B 189 -9.84 12.96 -1.46
N PHE B 190 -10.95 13.10 -0.75
CA PHE B 190 -11.97 12.07 -0.80
C PHE B 190 -12.48 11.84 -2.21
N PHE B 191 -12.92 12.89 -2.88
CA PHE B 191 -13.39 12.70 -4.25
C PHE B 191 -12.22 12.53 -5.22
N LEU B 192 -11.08 13.14 -4.91
CA LEU B 192 -9.93 13.00 -5.81
C LEU B 192 -9.41 11.54 -5.84
N SER B 193 -9.55 10.82 -4.73
CA SER B 193 -9.08 9.42 -4.69
C SER B 193 -9.73 8.55 -5.76
N ARG B 194 -10.92 8.92 -6.22
CA ARG B 194 -11.60 8.11 -7.24
C ARG B 194 -10.80 7.99 -8.52
N TYR B 195 -10.23 9.10 -8.99
CA TYR B 195 -9.48 9.05 -10.25
C TYR B 195 -8.02 9.49 -10.15
N TYR B 196 -7.57 9.79 -8.95
CA TYR B 196 -6.21 10.26 -8.72
C TYR B 196 -5.10 9.50 -9.46
N SER B 197 -5.13 8.17 -9.43
CA SER B 197 -4.08 7.38 -10.07
C SER B 197 -3.84 7.70 -11.55
N LYS B 198 -4.87 8.10 -12.27
CA LYS B 198 -4.69 8.39 -13.69
C LYS B 198 -4.75 9.88 -14.03
N LEU B 199 -4.45 10.73 -13.06
CA LEU B 199 -4.50 12.17 -13.31
C LEU B 199 -3.81 12.62 -14.58
N ALA B 200 -2.63 12.06 -14.86
CA ALA B 200 -1.88 12.46 -16.05
C ALA B 200 -2.69 12.24 -17.34
N GLN B 201 -3.31 11.07 -17.46
CA GLN B 201 -4.09 10.80 -18.65
C GLN B 201 -5.30 11.68 -18.75
N ILE B 202 -5.86 12.06 -17.61
CA ILE B 202 -7.06 12.88 -17.60
C ILE B 202 -6.73 14.31 -17.97
N VAL B 203 -5.56 14.77 -17.58
CA VAL B 203 -5.17 16.14 -17.83
C VAL B 203 -4.51 16.35 -19.18
N ALA B 204 -4.00 15.29 -19.79
CA ALA B 204 -3.33 15.41 -21.08
C ALA B 204 -4.13 16.13 -22.15
N PRO B 205 -5.39 15.74 -22.35
CA PRO B 205 -6.26 16.36 -23.36
C PRO B 205 -6.81 17.74 -23.04
N LEU B 206 -6.62 18.17 -21.79
CA LEU B 206 -7.17 19.43 -21.32
C LEU B 206 -6.33 20.67 -21.43
N ASP B 207 -6.99 21.81 -21.59
CA ASP B 207 -6.29 23.08 -21.56
C ASP B 207 -6.09 23.38 -20.06
N TYR B 208 -7.10 23.02 -19.26
CA TYR B 208 -7.03 23.24 -17.80
C TYR B 208 -7.90 22.29 -17.02
N ILE B 209 -7.53 22.04 -15.77
CA ILE B 209 -8.35 21.27 -14.87
C ILE B 209 -8.62 22.29 -13.73
N ASN B 210 -9.88 22.65 -13.56
CA ASN B 210 -10.26 23.63 -12.56
C ASN B 210 -10.63 22.93 -11.25
N LEU B 211 -9.76 23.09 -10.27
CA LEU B 211 -9.92 22.46 -8.96
C LEU B 211 -11.02 23.08 -8.14
N MET B 212 -11.86 22.23 -7.57
CA MET B 212 -12.93 22.78 -6.76
C MET B 212 -12.40 22.92 -5.34
N THR B 213 -11.36 23.73 -5.18
CA THR B 213 -10.75 23.95 -3.89
C THR B 213 -11.52 24.84 -2.87
N TYR B 214 -12.73 24.41 -2.52
CA TYR B 214 -13.58 25.07 -1.55
C TYR B 214 -14.60 24.04 -1.07
N ASP B 215 -15.51 24.43 -0.18
CA ASP B 215 -16.47 23.45 0.35
C ASP B 215 -15.69 22.37 1.12
N LEU B 216 -14.46 22.69 1.51
CA LEU B 216 -13.62 21.75 2.26
C LEU B 216 -14.08 21.71 3.71
N ALA B 217 -15.17 22.42 4.00
CA ALA B 217 -15.77 22.44 5.33
C ALA B 217 -17.25 22.67 5.07
N GLY B 218 -18.09 22.14 5.95
CA GLY B 218 -19.52 22.30 5.77
C GLY B 218 -20.30 21.82 6.99
N PRO B 219 -21.63 22.01 6.99
CA PRO B 219 -22.48 21.59 8.10
C PRO B 219 -22.44 20.06 8.26
N TRP B 220 -22.00 19.39 7.21
CA TRP B 220 -21.92 17.94 7.24
C TRP B 220 -20.72 17.49 8.07
N GLU B 221 -19.99 18.44 8.64
CA GLU B 221 -18.81 18.21 9.48
C GLU B 221 -19.07 18.60 10.95
N LYS B 222 -18.59 17.78 11.88
CA LYS B 222 -18.78 17.99 13.31
C LYS B 222 -18.06 19.20 13.87
N VAL B 223 -17.00 19.64 13.21
CA VAL B 223 -16.26 20.79 13.67
C VAL B 223 -16.31 21.90 12.63
N THR B 224 -16.56 23.14 13.08
CA THR B 224 -16.61 24.28 12.19
C THR B 224 -15.19 24.51 11.70
N ASN B 225 -15.07 24.97 10.46
CA ASN B 225 -13.74 25.22 9.90
C ASN B 225 -13.82 26.11 8.67
N HIS B 226 -12.67 26.56 8.17
CA HIS B 226 -12.67 27.40 6.97
C HIS B 226 -12.89 26.45 5.78
N GLN B 227 -13.76 26.85 4.84
CA GLN B 227 -14.05 26.01 3.68
C GLN B 227 -12.99 26.09 2.60
N ALA B 228 -12.14 27.10 2.68
CA ALA B 228 -11.11 27.25 1.67
C ALA B 228 -9.78 27.78 2.20
N ALA B 229 -9.34 27.24 3.32
CA ALA B 229 -8.06 27.67 3.88
C ALA B 229 -6.94 27.47 2.84
N LEU B 230 -6.08 28.46 2.69
CA LEU B 230 -4.98 28.33 1.72
C LEU B 230 -3.98 27.33 2.27
N PHE B 231 -3.58 27.58 3.52
CA PHE B 231 -2.65 26.74 4.26
C PHE B 231 -3.36 26.27 5.52
N GLY B 232 -2.78 25.29 6.19
CA GLY B 232 -3.39 24.74 7.39
C GLY B 232 -3.10 25.42 8.71
N ASP B 233 -3.98 25.18 9.67
CA ASP B 233 -3.89 25.72 11.02
C ASP B 233 -3.85 24.49 11.97
N ALA B 234 -2.76 24.35 12.71
CA ALA B 234 -2.63 23.23 13.63
C ALA B 234 -3.77 23.15 14.66
N ALA B 235 -4.44 24.28 14.88
CA ALA B 235 -5.52 24.29 15.84
C ALA B 235 -6.81 23.79 15.19
N GLY B 236 -6.84 23.75 13.85
CA GLY B 236 -8.03 23.28 13.18
C GLY B 236 -8.09 21.77 13.02
N PRO B 237 -9.25 21.24 12.62
CA PRO B 237 -9.36 19.79 12.45
C PRO B 237 -8.46 19.28 11.32
N THR B 238 -8.19 17.98 11.33
CA THR B 238 -7.38 17.33 10.30
C THR B 238 -8.20 16.19 9.74
N PHE B 239 -7.79 15.65 8.60
CA PHE B 239 -8.56 14.57 7.98
C PHE B 239 -7.75 13.37 7.53
N TYR B 240 -8.48 12.31 7.26
CA TYR B 240 -7.95 11.05 6.77
C TYR B 240 -7.52 11.32 5.32
N ASN B 241 -6.29 10.99 4.97
CA ASN B 241 -5.84 11.23 3.61
C ASN B 241 -6.26 10.07 2.68
N ALA B 242 -7.48 10.18 2.16
CA ALA B 242 -8.03 9.17 1.28
C ALA B 242 -7.13 8.73 0.15
N LEU B 243 -6.22 9.60 -0.30
CA LEU B 243 -5.36 9.18 -1.39
C LEU B 243 -4.54 7.93 -1.05
N ARG B 244 -4.26 7.69 0.23
CA ARG B 244 -3.48 6.52 0.63
C ARG B 244 -4.18 5.26 0.15
N GLU B 245 -5.46 5.39 -0.15
CA GLU B 245 -6.26 4.25 -0.56
C GLU B 245 -6.53 4.09 -2.02
N ALA B 246 -6.00 4.99 -2.84
CA ALA B 246 -6.20 4.90 -4.29
C ALA B 246 -5.40 3.70 -4.81
N ASN B 247 -5.80 3.14 -5.95
CA ASN B 247 -5.08 2.00 -6.52
C ASN B 247 -3.87 2.49 -7.27
N LEU B 248 -2.80 2.76 -6.53
CA LEU B 248 -1.55 3.25 -7.09
C LEU B 248 -0.47 2.20 -7.21
N GLY B 249 -0.53 1.18 -6.36
CA GLY B 249 0.45 0.12 -6.38
C GLY B 249 1.78 0.54 -5.77
N TRP B 250 1.75 1.53 -4.88
CA TRP B 250 3.00 1.98 -4.25
C TRP B 250 3.19 1.19 -2.97
N SER B 251 4.43 1.13 -2.48
CA SER B 251 4.69 0.42 -1.22
C SER B 251 4.25 1.25 -0.02
N TRP B 252 4.07 0.60 1.13
CA TRP B 252 3.67 1.30 2.33
C TRP B 252 4.46 2.61 2.52
N GLU B 253 5.80 2.51 2.47
CA GLU B 253 6.64 3.68 2.66
C GLU B 253 6.30 4.77 1.66
N GLU B 254 6.13 4.37 0.40
CA GLU B 254 5.80 5.33 -0.65
C GLU B 254 4.46 6.02 -0.37
N LEU B 255 3.48 5.26 0.08
CA LEU B 255 2.17 5.82 0.37
C LEU B 255 2.26 6.79 1.55
N THR B 256 2.94 6.36 2.61
CA THR B 256 3.09 7.18 3.80
C THR B 256 3.80 8.50 3.48
N ARG B 257 4.80 8.43 2.61
CA ARG B 257 5.54 9.64 2.22
C ARG B 257 4.72 10.62 1.43
N ALA B 258 3.96 10.08 0.48
CA ALA B 258 3.13 10.91 -0.39
C ALA B 258 1.89 11.43 0.30
N PHE B 259 1.34 10.65 1.22
CA PHE B 259 0.09 11.01 1.87
C PHE B 259 0.05 11.11 3.39
N PRO B 260 0.63 12.17 3.96
CA PRO B 260 0.58 12.28 5.42
C PRO B 260 -0.87 12.20 5.88
N SER B 261 -1.12 11.44 6.94
CA SER B 261 -2.49 11.33 7.41
C SER B 261 -2.47 11.22 8.92
N PRO B 262 -3.31 12.00 9.63
CA PRO B 262 -4.27 12.98 9.09
C PRO B 262 -3.55 14.22 8.55
N PHE B 263 -4.22 15.01 7.72
CA PHE B 263 -3.58 16.20 7.17
C PHE B 263 -4.58 17.37 7.14
N SER B 264 -4.07 18.57 6.86
CA SER B 264 -4.91 19.76 6.79
C SER B 264 -5.59 19.87 5.43
N LEU B 265 -6.93 19.83 5.46
CA LEU B 265 -7.69 19.92 4.23
C LEU B 265 -7.68 21.39 3.76
N THR B 266 -6.73 21.71 2.88
CA THR B 266 -6.52 23.06 2.39
C THR B 266 -6.41 23.12 0.86
N VAL B 267 -6.39 24.34 0.34
CA VAL B 267 -6.26 24.56 -1.10
C VAL B 267 -4.87 24.12 -1.56
N ASP B 268 -3.85 24.46 -0.75
CA ASP B 268 -2.46 24.11 -1.06
C ASP B 268 -2.29 22.58 -1.13
N ALA B 269 -2.99 21.84 -0.28
CA ALA B 269 -2.88 20.40 -0.31
C ALA B 269 -3.48 19.82 -1.60
N ALA B 270 -4.60 20.36 -2.08
CA ALA B 270 -5.18 19.82 -3.31
C ALA B 270 -4.21 20.10 -4.44
N VAL B 271 -3.68 21.31 -4.47
CA VAL B 271 -2.75 21.71 -5.50
C VAL B 271 -1.48 20.83 -5.48
N GLN B 272 -0.89 20.67 -4.31
CA GLN B 272 0.33 19.89 -4.17
C GLN B 272 0.08 18.41 -4.42
N GLN B 273 -1.09 17.91 -4.03
CA GLN B 273 -1.39 16.49 -4.28
C GLN B 273 -1.44 16.28 -5.81
N HIS B 274 -1.89 17.28 -6.56
CA HIS B 274 -1.94 17.12 -8.01
C HIS B 274 -0.53 17.15 -8.59
N LEU B 275 0.30 18.06 -8.08
CA LEU B 275 1.67 18.21 -8.52
C LEU B 275 2.57 17.01 -8.22
N MET B 276 2.25 16.24 -7.18
CA MET B 276 3.01 15.05 -6.79
C MET B 276 2.97 13.98 -7.90
N MET B 277 1.94 14.04 -8.74
CA MET B 277 1.79 13.08 -9.81
C MET B 277 2.58 13.49 -11.04
N GLU B 278 3.38 12.56 -11.53
CA GLU B 278 4.19 12.76 -12.70
C GLU B 278 3.28 13.00 -13.90
N GLY B 279 3.70 13.94 -14.75
CA GLY B 279 2.94 14.27 -15.94
C GLY B 279 1.83 15.27 -15.73
N VAL B 280 1.72 15.87 -14.55
CA VAL B 280 0.66 16.86 -14.35
C VAL B 280 1.29 18.23 -14.22
N PRO B 281 1.36 18.98 -15.34
CA PRO B 281 1.96 20.34 -15.40
C PRO B 281 1.20 21.40 -14.62
N SER B 282 1.94 22.18 -13.83
CA SER B 282 1.34 23.22 -13.00
C SER B 282 0.53 24.21 -13.84
N ALA B 283 1.03 24.53 -15.01
CA ALA B 283 0.33 25.50 -15.84
C ALA B 283 -1.12 25.14 -16.15
N LYS B 284 -1.47 23.85 -16.05
CA LYS B 284 -2.82 23.41 -16.35
C LYS B 284 -3.76 23.37 -15.16
N ILE B 285 -3.20 23.58 -13.99
CA ILE B 285 -3.97 23.53 -12.76
C ILE B 285 -4.51 24.92 -12.45
N VAL B 286 -5.83 25.01 -12.33
CA VAL B 286 -6.48 26.27 -12.02
C VAL B 286 -7.05 26.14 -10.64
N MET B 287 -6.84 27.16 -9.80
CA MET B 287 -7.36 27.15 -8.44
C MET B 287 -8.76 27.73 -8.39
N GLY B 288 -9.69 26.99 -7.80
CA GLY B 288 -11.03 27.49 -7.71
C GLY B 288 -11.18 28.24 -6.39
N VAL B 289 -12.01 29.27 -6.41
CA VAL B 289 -12.27 30.02 -5.22
C VAL B 289 -13.77 30.21 -5.15
N PRO B 290 -14.31 30.27 -3.94
CA PRO B 290 -15.74 30.46 -3.73
C PRO B 290 -16.10 31.93 -3.63
N PHE B 291 -17.17 32.34 -4.31
CA PHE B 291 -17.63 33.72 -4.23
C PHE B 291 -18.81 33.74 -3.25
N TYR B 292 -18.89 32.70 -2.41
CA TYR B 292 -19.94 32.57 -1.40
C TYR B 292 -19.35 32.05 -0.09
N GLY B 293 -20.10 32.17 0.99
CA GLY B 293 -19.62 31.70 2.27
C GLY B 293 -20.56 30.63 2.81
N ARG B 294 -20.11 29.94 3.85
CA ARG B 294 -20.90 28.88 4.49
C ARG B 294 -21.06 29.22 5.97
N ALA B 295 -22.31 29.18 6.44
CA ALA B 295 -22.60 29.54 7.82
C ALA B 295 -23.01 28.38 8.74
N PHE B 296 -22.63 28.51 10.01
CA PHE B 296 -22.96 27.50 11.02
C PHE B 296 -23.59 28.23 12.21
N LYS B 297 -24.43 27.52 12.97
CA LYS B 297 -25.05 28.10 14.16
C LYS B 297 -24.73 27.23 15.36
N GLY B 298 -25.00 27.74 16.55
CA GLY B 298 -24.74 26.97 17.76
C GLY B 298 -23.28 26.80 18.04
N VAL B 299 -22.45 27.77 17.65
CA VAL B 299 -21.02 27.65 17.89
C VAL B 299 -20.59 28.27 19.21
N SER B 300 -19.55 27.73 19.79
CA SER B 300 -19.03 28.23 21.07
C SER B 300 -18.02 29.35 20.85
N GLY B 301 -17.94 30.24 21.84
CA GLY B 301 -17.01 31.35 21.75
C GLY B 301 -15.64 30.96 22.26
N GLY B 302 -14.69 31.88 22.16
CA GLY B 302 -13.34 31.62 22.63
C GLY B 302 -12.35 31.71 21.48
N ASN B 303 -12.72 31.14 20.34
CA ASN B 303 -11.86 31.15 19.16
C ASN B 303 -12.58 31.74 17.95
N GLY B 304 -13.43 32.73 18.21
CA GLY B 304 -14.18 33.38 17.15
C GLY B 304 -15.18 32.48 16.44
N GLY B 305 -15.56 31.37 17.07
CA GLY B 305 -16.49 30.44 16.45
C GLY B 305 -15.79 29.38 15.60
N GLN B 306 -14.46 29.46 15.51
CA GLN B 306 -13.65 28.53 14.73
C GLN B 306 -13.45 27.22 15.46
N TYR B 307 -13.38 26.14 14.70
CA TYR B 307 -13.11 24.82 15.28
C TYR B 307 -13.99 24.50 16.45
N SER B 308 -15.24 24.92 16.37
CA SER B 308 -16.17 24.67 17.44
C SER B 308 -17.23 23.68 17.00
N SER B 309 -17.94 23.13 17.99
CA SER B 309 -19.04 22.21 17.75
C SER B 309 -20.18 23.15 17.38
N HIS B 310 -21.17 22.63 16.65
CA HIS B 310 -22.27 23.46 16.20
C HIS B 310 -23.53 22.63 16.12
N SER B 311 -24.64 23.28 15.77
CA SER B 311 -25.91 22.58 15.67
C SER B 311 -26.57 22.89 14.33
N THR B 312 -25.76 22.79 13.28
CA THR B 312 -26.20 23.07 11.93
C THR B 312 -26.60 21.83 11.13
N PRO B 313 -27.84 21.81 10.61
CA PRO B 313 -28.36 20.69 9.81
C PRO B 313 -27.45 20.51 8.60
N GLY B 314 -27.16 19.26 8.26
CA GLY B 314 -26.30 18.98 7.13
C GLY B 314 -27.00 18.44 5.89
N GLU B 315 -28.29 18.18 6.00
CA GLU B 315 -29.01 17.65 4.86
C GLU B 315 -29.40 18.69 3.83
N ASP B 316 -29.82 18.20 2.67
CA ASP B 316 -30.28 19.04 1.58
C ASP B 316 -31.59 18.46 1.09
N PRO B 317 -32.60 19.30 0.88
CA PRO B 317 -32.52 20.75 1.09
C PRO B 317 -32.55 21.11 2.57
N TYR B 318 -32.50 22.41 2.88
CA TYR B 318 -32.55 22.84 4.27
C TYR B 318 -33.89 22.29 4.75
N PRO B 319 -33.88 21.46 5.81
CA PRO B 319 -35.07 20.83 6.41
C PRO B 319 -35.98 21.66 7.32
N SER B 320 -35.54 22.85 7.70
CA SER B 320 -36.34 23.71 8.57
C SER B 320 -36.84 24.96 7.86
N THR B 321 -37.69 25.71 8.55
CA THR B 321 -38.23 26.95 8.01
C THR B 321 -37.57 28.10 8.74
N ASP B 322 -36.67 27.74 9.63
CA ASP B 322 -35.93 28.66 10.48
C ASP B 322 -34.71 29.31 9.77
N TYR B 323 -34.82 30.60 9.41
CA TYR B 323 -33.72 31.30 8.77
C TYR B 323 -32.98 32.15 9.80
N TRP B 324 -31.89 31.60 10.32
CA TRP B 324 -31.13 32.25 11.39
C TRP B 324 -29.86 33.02 11.10
N LEU B 325 -29.54 33.22 9.83
CA LEU B 325 -28.33 33.97 9.53
C LEU B 325 -28.81 35.42 9.49
N VAL B 326 -28.67 36.11 10.61
CA VAL B 326 -29.13 37.49 10.75
C VAL B 326 -28.70 38.44 9.65
N GLY B 327 -29.69 39.12 9.07
CA GLY B 327 -29.40 40.08 8.03
C GLY B 327 -29.32 39.47 6.65
N CYS B 328 -29.31 38.14 6.54
CA CYS B 328 -29.22 37.52 5.22
C CYS B 328 -30.57 37.28 4.52
N GLU B 329 -31.10 38.32 3.88
CA GLU B 329 -32.38 38.24 3.18
C GLU B 329 -32.32 37.33 1.96
N GLU B 330 -31.14 37.22 1.36
CA GLU B 330 -30.91 36.34 0.22
C GLU B 330 -31.14 34.90 0.69
N CYS B 331 -30.73 34.59 1.92
CA CYS B 331 -30.89 33.25 2.52
C CYS B 331 -32.36 32.88 2.66
N VAL B 332 -33.19 33.88 2.96
CA VAL B 332 -34.62 33.67 3.11
C VAL B 332 -35.15 33.36 1.71
N ARG B 333 -34.82 34.23 0.74
CA ARG B 333 -35.23 34.04 -0.65
C ARG B 333 -34.82 32.66 -1.14
N ASP B 334 -33.58 32.28 -0.86
CA ASP B 334 -33.13 30.99 -1.33
C ASP B 334 -33.46 29.85 -0.39
N LYS B 335 -34.20 30.16 0.67
CA LYS B 335 -34.64 29.12 1.60
C LYS B 335 -33.56 28.29 2.32
N ASP B 336 -32.37 28.86 2.53
CA ASP B 336 -31.30 28.13 3.21
C ASP B 336 -30.41 29.12 3.96
N PRO B 337 -30.28 28.97 5.28
CA PRO B 337 -29.43 29.94 5.97
C PRO B 337 -27.98 29.54 6.10
N ARG B 338 -27.59 28.39 5.52
CA ARG B 338 -26.21 27.90 5.61
C ARG B 338 -25.23 28.37 4.52
N ILE B 339 -25.73 29.10 3.53
CA ILE B 339 -24.87 29.58 2.47
C ILE B 339 -25.25 31.01 2.11
N ALA B 340 -24.28 31.81 1.72
CA ALA B 340 -24.58 33.18 1.39
C ALA B 340 -23.52 33.73 0.45
N SER B 341 -23.98 34.54 -0.48
CA SER B 341 -23.09 35.15 -1.45
C SER B 341 -22.26 36.23 -0.78
N TYR B 342 -21.04 36.40 -1.27
CA TYR B 342 -20.15 37.42 -0.76
C TYR B 342 -20.87 38.78 -0.80
N ARG B 343 -21.64 38.99 -1.85
CA ARG B 343 -22.40 40.23 -2.04
C ARG B 343 -23.31 40.49 -0.84
N GLN B 344 -23.94 39.42 -0.36
CA GLN B 344 -24.85 39.47 0.76
C GLN B 344 -24.08 39.60 2.07
N LEU B 345 -23.01 38.81 2.20
CA LEU B 345 -22.20 38.86 3.38
C LEU B 345 -21.60 40.24 3.52
N GLU B 346 -21.26 40.85 2.39
CA GLU B 346 -20.68 42.19 2.40
C GLU B 346 -21.69 43.20 2.94
N GLN B 347 -22.95 43.01 2.59
CA GLN B 347 -24.01 43.89 3.04
C GLN B 347 -24.23 43.70 4.52
N MET B 348 -24.23 42.45 4.95
CA MET B 348 -24.44 42.15 6.36
C MET B 348 -23.37 42.83 7.18
N LEU B 349 -22.20 43.03 6.59
CA LEU B 349 -21.11 43.71 7.26
C LEU B 349 -21.30 45.22 7.26
N GLN B 350 -22.23 45.72 6.45
CA GLN B 350 -22.50 47.17 6.40
C GLN B 350 -23.78 47.48 7.15
N GLY B 351 -24.53 46.43 7.50
CA GLY B 351 -25.79 46.61 8.17
C GLY B 351 -25.77 46.65 9.68
N ASN B 352 -24.58 46.65 10.28
CA ASN B 352 -24.48 46.70 11.74
C ASN B 352 -25.46 45.69 12.38
N TYR B 353 -25.16 44.41 12.22
CA TYR B 353 -25.97 43.30 12.74
C TYR B 353 -25.33 42.54 13.89
N GLY B 354 -24.12 42.94 14.28
CA GLY B 354 -23.43 42.26 15.36
C GLY B 354 -22.43 41.21 14.91
N TYR B 355 -21.87 41.36 13.71
CA TYR B 355 -20.87 40.41 13.20
C TYR B 355 -19.50 41.03 13.38
N GLN B 356 -18.50 40.19 13.61
CA GLN B 356 -17.13 40.66 13.71
C GLN B 356 -16.38 40.04 12.53
N ARG B 357 -15.73 40.87 11.73
CA ARG B 357 -14.97 40.32 10.61
C ARG B 357 -13.60 39.99 11.21
N LEU B 358 -13.30 38.70 11.32
CA LEU B 358 -12.03 38.26 11.88
C LEU B 358 -11.15 37.66 10.80
N TRP B 359 -9.85 37.54 11.09
CA TRP B 359 -8.91 37.02 10.13
C TRP B 359 -7.98 35.93 10.68
N ASN B 360 -7.88 34.79 9.99
CA ASN B 360 -6.95 33.77 10.44
C ASN B 360 -5.70 33.95 9.60
N ASP B 361 -4.58 34.24 10.28
CA ASP B 361 -3.33 34.49 9.58
C ASP B 361 -2.51 33.27 9.15
N LYS B 362 -2.99 32.08 9.49
CA LYS B 362 -2.35 30.84 9.09
C LYS B 362 -3.00 30.35 7.78
N THR B 363 -4.32 30.36 7.75
CA THR B 363 -5.09 29.91 6.60
C THR B 363 -5.23 31.03 5.55
N LYS B 364 -4.90 32.24 5.98
CA LYS B 364 -5.01 33.45 5.16
C LYS B 364 -6.43 33.65 4.64
N THR B 365 -7.41 33.49 5.52
CA THR B 365 -8.80 33.66 5.13
C THR B 365 -9.59 34.40 6.20
N PRO B 366 -10.67 35.10 5.78
CA PRO B 366 -11.49 35.83 6.74
C PRO B 366 -12.61 34.94 7.22
N TYR B 367 -13.26 35.35 8.30
CA TYR B 367 -14.38 34.61 8.84
C TYR B 367 -15.18 35.55 9.71
N LEU B 368 -16.48 35.33 9.78
CA LEU B 368 -17.34 36.18 10.60
C LEU B 368 -17.78 35.41 11.81
N TYR B 369 -17.86 36.13 12.92
CA TYR B 369 -18.30 35.54 14.18
C TYR B 369 -19.36 36.45 14.76
N HIS B 370 -20.50 35.88 15.11
CA HIS B 370 -21.56 36.67 15.70
C HIS B 370 -21.71 36.16 17.12
N ALA B 371 -21.02 36.83 18.05
CA ALA B 371 -21.01 36.44 19.45
C ALA B 371 -22.42 36.28 20.03
N GLN B 372 -23.19 37.34 19.93
CA GLN B 372 -24.54 37.33 20.47
C GLN B 372 -25.37 36.12 20.05
N ASN B 373 -25.35 35.73 18.79
CA ASN B 373 -26.16 34.61 18.37
C ASN B 373 -25.46 33.28 18.18
N GLY B 374 -24.14 33.27 18.31
CA GLY B 374 -23.38 32.04 18.17
C GLY B 374 -23.27 31.55 16.74
N LEU B 375 -22.95 32.46 15.83
CA LEU B 375 -22.82 32.13 14.42
C LEU B 375 -21.37 32.21 13.94
N PHE B 376 -21.05 31.39 12.93
CA PHE B 376 -19.73 31.35 12.29
C PHE B 376 -19.88 31.25 10.77
N VAL B 377 -19.22 32.17 10.06
CA VAL B 377 -19.27 32.13 8.62
C VAL B 377 -17.87 32.06 8.04
N THR B 378 -17.65 31.07 7.18
CA THR B 378 -16.35 30.93 6.52
C THR B 378 -16.52 31.38 5.08
N TYR B 379 -15.69 32.33 4.65
CA TYR B 379 -15.79 32.83 3.30
C TYR B 379 -14.47 33.44 2.84
N ASP B 380 -14.44 33.86 1.57
CA ASP B 380 -13.28 34.50 0.95
C ASP B 380 -13.65 35.92 0.54
N ASP B 381 -12.64 36.77 0.41
CA ASP B 381 -12.86 38.17 0.02
C ASP B 381 -11.63 38.65 -0.71
N ALA B 382 -11.56 39.95 -0.99
CA ALA B 382 -10.45 40.53 -1.73
C ALA B 382 -9.08 40.35 -1.07
N GLU B 383 -9.06 40.24 0.26
CA GLU B 383 -7.79 40.10 0.97
C GLU B 383 -7.27 38.66 0.86
N SER B 384 -8.12 37.68 1.14
CA SER B 384 -7.69 36.30 1.01
C SER B 384 -7.30 36.04 -0.47
N PHE B 385 -7.88 36.77 -1.41
CA PHE B 385 -7.53 36.52 -2.82
C PHE B 385 -6.12 37.01 -3.15
N LYS B 386 -5.58 37.87 -2.29
CA LYS B 386 -4.23 38.39 -2.49
C LYS B 386 -3.25 37.25 -2.28
N TYR B 387 -3.52 36.46 -1.25
CA TYR B 387 -2.65 35.34 -0.91
C TYR B 387 -2.82 34.24 -1.93
N LYS B 388 -4.07 33.98 -2.31
CA LYS B 388 -4.29 32.92 -3.30
C LYS B 388 -3.72 33.34 -4.65
N ALA B 389 -3.87 34.61 -4.98
CA ALA B 389 -3.35 35.11 -6.24
C ALA B 389 -1.85 34.95 -6.25
N LYS B 390 -1.18 35.25 -5.14
CA LYS B 390 0.27 35.14 -5.12
C LYS B 390 0.71 33.67 -5.21
N TYR B 391 -0.01 32.79 -4.54
CA TYR B 391 0.29 31.35 -4.56
C TYR B 391 0.28 30.84 -6.02
N ILE B 392 -0.78 31.20 -6.74
CA ILE B 392 -0.97 30.85 -8.16
C ILE B 392 0.24 31.31 -8.99
N LYS B 393 0.78 32.46 -8.66
CA LYS B 393 1.91 32.98 -9.40
C LYS B 393 3.18 32.23 -9.08
N GLN B 394 3.43 32.07 -7.78
CA GLN B 394 4.59 31.38 -7.23
C GLN B 394 4.68 29.91 -7.66
N GLN B 395 3.52 29.23 -7.63
CA GLN B 395 3.44 27.82 -7.99
C GLN B 395 3.31 27.64 -9.49
N GLN B 396 3.23 28.76 -10.20
CA GLN B 396 3.11 28.74 -11.64
C GLN B 396 1.88 27.99 -12.09
N LEU B 397 0.76 28.29 -11.46
CA LEU B 397 -0.50 27.67 -11.80
C LEU B 397 -1.10 28.37 -12.99
N GLY B 398 -2.06 27.72 -13.63
CA GLY B 398 -2.68 28.28 -14.82
C GLY B 398 -3.56 29.49 -14.57
N GLY B 399 -4.06 29.61 -13.35
CA GLY B 399 -4.93 30.72 -13.07
C GLY B 399 -5.95 30.41 -12.01
N VAL B 400 -7.06 31.13 -12.03
CA VAL B 400 -8.09 30.97 -11.01
C VAL B 400 -9.44 30.76 -11.64
N MET B 401 -10.29 30.02 -10.93
CA MET B 401 -11.65 29.73 -11.35
C MET B 401 -12.54 30.09 -10.18
N PHE B 402 -13.78 30.48 -10.45
CA PHE B 402 -14.67 30.78 -9.34
C PHE B 402 -16.14 30.51 -9.58
N TRP B 403 -16.80 30.16 -8.49
CA TRP B 403 -18.22 29.88 -8.47
C TRP B 403 -18.86 30.86 -7.49
N HIS B 404 -19.74 31.75 -7.95
CA HIS B 404 -20.02 31.98 -9.36
C HIS B 404 -20.25 33.48 -9.58
N LEU B 405 -20.21 33.93 -10.82
CA LEU B 405 -20.37 35.34 -11.15
C LEU B 405 -21.48 36.08 -10.42
N GLY B 406 -22.63 35.41 -10.24
CA GLY B 406 -23.76 36.06 -9.58
C GLY B 406 -23.59 36.34 -8.10
N GLN B 407 -22.53 35.82 -7.48
CA GLN B 407 -22.35 36.04 -6.05
C GLN B 407 -21.36 37.15 -5.71
N ASP B 408 -20.77 37.77 -6.74
CA ASP B 408 -19.85 38.89 -6.52
C ASP B 408 -20.77 40.07 -6.22
N ASN B 409 -20.27 41.13 -5.61
CA ASN B 409 -21.16 42.26 -5.35
C ASN B 409 -21.51 42.92 -6.69
N ARG B 410 -22.45 43.87 -6.66
CA ARG B 410 -22.87 44.57 -7.87
C ARG B 410 -21.75 45.24 -8.63
N ASN B 411 -20.71 45.66 -7.92
CA ASN B 411 -19.59 46.30 -8.62
C ASN B 411 -18.62 45.27 -9.17
N GLY B 412 -18.81 44.01 -8.77
CA GLY B 412 -17.91 42.94 -9.24
C GLY B 412 -16.52 43.13 -8.69
N ASP B 413 -16.45 43.47 -7.40
CA ASP B 413 -15.17 43.71 -6.74
C ASP B 413 -14.21 42.50 -6.62
N LEU B 414 -14.75 41.33 -6.30
CA LEU B 414 -13.89 40.14 -6.19
C LEU B 414 -13.25 39.87 -7.56
N LEU B 415 -14.03 39.89 -8.65
CA LEU B 415 -13.44 39.67 -9.98
C LEU B 415 -12.37 40.72 -10.28
N ALA B 416 -12.68 42.00 -10.02
CA ALA B 416 -11.73 43.07 -10.28
C ALA B 416 -10.44 42.84 -9.50
N ALA B 417 -10.59 42.38 -8.25
CA ALA B 417 -9.44 42.12 -7.39
C ALA B 417 -8.56 41.06 -8.03
N LEU B 418 -9.16 39.94 -8.41
CA LEU B 418 -8.39 38.88 -9.05
C LEU B 418 -7.62 39.43 -10.24
N ASP B 419 -8.32 40.14 -11.13
CA ASP B 419 -7.68 40.73 -12.32
C ASP B 419 -6.52 41.62 -11.92
N ARG B 420 -6.79 42.44 -10.92
CA ARG B 420 -5.81 43.37 -10.39
C ARG B 420 -4.54 42.67 -9.93
N TYR B 421 -4.71 41.65 -9.09
CA TYR B 421 -3.60 40.91 -8.53
C TYR B 421 -2.73 40.26 -9.59
N PHE B 422 -3.33 39.88 -10.70
CA PHE B 422 -2.54 39.26 -11.76
C PHE B 422 -1.99 40.24 -12.80
N ASN B 423 -2.71 41.31 -13.10
CA ASN B 423 -2.25 42.18 -14.17
C ASN B 423 -1.98 43.66 -13.96
N ALA B 424 -2.53 44.25 -12.90
CA ALA B 424 -2.35 45.67 -12.67
C ALA B 424 -0.90 46.09 -12.38
N ALA B 425 -0.45 47.14 -13.06
CA ALA B 425 0.91 47.62 -12.85
C ALA B 425 1.04 48.33 -11.53
N ASP B 426 -0.07 48.77 -10.96
CA ASP B 426 -0.01 49.48 -9.69
C ASP B 426 -0.29 48.63 -8.47
N TYR B 427 -0.26 47.32 -8.63
CA TYR B 427 -0.43 46.41 -7.50
C TYR B 427 0.92 45.71 -7.41
N ASP B 428 1.44 45.62 -6.19
CA ASP B 428 2.73 45.02 -5.99
C ASP B 428 2.71 44.14 -4.74
N ASP B 429 2.68 42.83 -4.93
CA ASP B 429 2.65 41.91 -3.82
C ASP B 429 4.02 41.30 -3.52
N SER B 430 5.10 41.91 -4.01
CA SER B 430 6.45 41.36 -3.78
C SER B 430 6.77 41.21 -2.27
N GLN B 431 6.16 42.03 -1.43
CA GLN B 431 6.40 41.93 0.01
C GLN B 431 5.28 41.25 0.78
N LEU B 432 4.30 40.69 0.08
CA LEU B 432 3.19 40.03 0.77
C LEU B 432 3.68 38.75 1.44
N ASP B 433 3.53 38.69 2.76
CA ASP B 433 4.00 37.55 3.53
C ASP B 433 3.00 36.42 3.52
N MET B 434 3.45 35.28 3.02
CA MET B 434 2.60 34.12 2.90
C MET B 434 2.36 33.34 4.19
N GLY B 435 2.88 33.85 5.30
CA GLY B 435 2.64 33.22 6.59
C GLY B 435 3.31 31.88 6.91
N THR B 436 2.92 31.33 8.06
CA THR B 436 3.49 30.08 8.53
C THR B 436 2.45 28.99 8.67
N GLY B 437 1.41 29.07 7.84
CA GLY B 437 0.38 28.05 7.89
C GLY B 437 1.02 26.75 7.46
N LEU B 438 0.40 25.64 7.79
CA LEU B 438 0.98 24.37 7.42
C LEU B 438 0.87 24.11 5.92
N ARG B 439 2.01 23.76 5.32
CA ARG B 439 2.12 23.42 3.91
C ARG B 439 2.08 21.90 3.72
N TYR B 440 1.50 21.44 2.62
CA TYR B 440 1.43 20.01 2.35
C TYR B 440 2.85 19.56 1.99
N THR B 441 3.37 18.55 2.66
CA THR B 441 4.74 18.13 2.35
C THR B 441 4.95 16.74 1.76
N GLY B 442 3.87 16.08 1.32
CA GLY B 442 4.01 14.76 0.75
C GLY B 442 4.90 14.82 -0.48
N VAL B 443 5.53 13.70 -0.83
CA VAL B 443 6.40 13.62 -1.98
C VAL B 443 6.18 12.23 -2.61
N GLY B 444 5.92 12.20 -3.91
CA GLY B 444 5.66 10.92 -4.53
C GLY B 444 6.68 10.49 -5.55
N PRO B 445 6.76 9.17 -5.85
CA PRO B 445 7.69 8.59 -6.82
C PRO B 445 7.64 9.42 -8.10
N GLY B 446 6.77 10.43 -8.09
CA GLY B 446 6.62 11.33 -9.21
C GLY B 446 7.41 12.62 -9.06
N ASN B 447 7.22 13.37 -7.97
CA ASN B 447 7.93 14.64 -7.76
C ASN B 447 9.17 14.53 -6.82
N LEU B 448 10.01 13.54 -7.11
CA LEU B 448 11.20 13.29 -6.29
C LEU B 448 12.29 14.33 -6.52
N PRO B 449 12.99 14.72 -5.44
CA PRO B 449 14.06 15.71 -5.56
C PRO B 449 15.31 15.14 -6.18
N ILE B 450 16.13 16.01 -6.73
CA ILE B 450 17.40 15.61 -7.29
C ILE B 450 18.25 15.21 -6.08
N MET B 451 18.91 14.07 -6.17
CA MET B 451 19.79 13.60 -5.08
C MET B 451 21.07 13.04 -5.68
N THR B 452 22.11 12.94 -4.87
CA THR B 452 23.40 12.43 -5.34
C THR B 452 23.94 11.36 -4.40
N ALA B 453 24.34 10.23 -4.96
CA ALA B 453 24.86 9.15 -4.15
C ALA B 453 25.76 8.26 -4.98
N PRO B 454 26.62 7.47 -4.32
CA PRO B 454 27.54 6.55 -5.02
C PRO B 454 26.76 5.56 -5.86
N ALA B 455 27.33 5.12 -6.98
CA ALA B 455 26.63 4.15 -7.81
C ALA B 455 26.54 2.82 -7.05
N TYR B 456 25.43 2.12 -7.24
CA TYR B 456 25.25 0.83 -6.59
C TYR B 456 26.40 -0.08 -7.03
N VAL B 457 26.94 -0.88 -6.12
CA VAL B 457 28.00 -1.79 -6.50
C VAL B 457 27.57 -3.23 -6.28
N PRO B 458 27.36 -3.98 -7.36
CA PRO B 458 26.95 -5.38 -7.25
C PRO B 458 27.95 -6.16 -6.41
N GLY B 459 27.46 -7.06 -5.56
CA GLY B 459 28.34 -7.86 -4.73
C GLY B 459 28.61 -7.23 -3.37
N THR B 460 28.12 -6.02 -3.20
CA THR B 460 28.27 -5.27 -1.96
C THR B 460 27.12 -5.58 -1.03
N THR B 461 27.36 -5.53 0.27
CA THR B 461 26.32 -5.76 1.26
C THR B 461 26.08 -4.41 1.93
N TYR B 462 24.89 -3.86 1.79
CA TYR B 462 24.58 -2.56 2.35
C TYR B 462 23.87 -2.59 3.70
N ALA B 463 24.11 -1.55 4.49
CA ALA B 463 23.49 -1.43 5.79
C ALA B 463 22.21 -0.62 5.64
N GLN B 464 21.38 -0.66 6.66
CA GLN B 464 20.12 0.08 6.65
C GLN B 464 20.36 1.58 6.49
N GLY B 465 19.55 2.24 5.66
CA GLY B 465 19.70 3.68 5.48
C GLY B 465 20.74 4.10 4.46
N ALA B 466 21.47 3.13 3.93
CA ALA B 466 22.50 3.39 2.93
C ALA B 466 21.88 3.97 1.65
N LEU B 467 22.62 4.80 0.93
CA LEU B 467 22.12 5.42 -0.30
C LEU B 467 22.99 5.11 -1.51
N VAL B 468 22.36 4.86 -2.65
CA VAL B 468 23.10 4.58 -3.86
C VAL B 468 22.26 5.06 -5.01
N SER B 469 22.93 5.32 -6.13
CA SER B 469 22.25 5.73 -7.34
C SER B 469 22.24 4.49 -8.22
N TYR B 470 21.15 4.30 -8.94
CA TYR B 470 21.02 3.14 -9.79
C TYR B 470 19.88 3.38 -10.76
N GLN B 471 20.19 3.28 -12.05
CA GLN B 471 19.23 3.44 -13.12
C GLN B 471 18.33 4.67 -13.10
N GLY B 472 18.93 5.85 -12.91
CA GLY B 472 18.18 7.09 -12.92
C GLY B 472 17.61 7.53 -11.59
N TYR B 473 17.81 6.73 -10.54
CA TYR B 473 17.29 7.08 -9.23
C TYR B 473 18.29 6.86 -8.12
N VAL B 474 18.01 7.53 -6.99
CA VAL B 474 18.79 7.41 -5.76
C VAL B 474 17.89 6.55 -4.84
N TRP B 475 18.45 5.49 -4.28
CA TRP B 475 17.68 4.58 -3.44
C TRP B 475 18.21 4.42 -2.03
N GLN B 476 17.32 4.17 -1.08
CA GLN B 476 17.73 3.99 0.31
C GLN B 476 17.24 2.63 0.82
N THR B 477 18.07 1.93 1.57
CA THR B 477 17.69 0.62 2.11
C THR B 477 16.85 0.80 3.35
N LYS B 478 15.77 0.03 3.45
CA LYS B 478 14.88 0.11 4.61
C LYS B 478 15.30 -0.82 5.73
N TRP B 479 16.30 -1.65 5.49
CA TRP B 479 16.84 -2.52 6.53
C TRP B 479 18.25 -2.99 6.18
N GLY B 480 18.94 -3.61 7.14
CA GLY B 480 20.30 -4.04 6.94
C GLY B 480 20.58 -5.31 6.16
N TYR B 481 21.87 -5.58 5.96
CA TYR B 481 22.36 -6.75 5.22
C TYR B 481 21.70 -6.93 3.86
N ILE B 482 21.62 -5.84 3.10
CA ILE B 482 21.02 -5.86 1.78
C ILE B 482 22.01 -6.35 0.73
N THR B 483 21.71 -7.48 0.10
CA THR B 483 22.62 -8.01 -0.90
C THR B 483 22.00 -7.97 -2.29
N SER B 484 20.81 -7.39 -2.40
CA SER B 484 20.11 -7.28 -3.69
C SER B 484 20.30 -5.91 -4.30
N ALA B 485 20.02 -5.81 -5.60
CA ALA B 485 20.15 -4.55 -6.35
C ALA B 485 18.89 -3.69 -6.18
N PRO B 486 19.03 -2.37 -6.31
CA PRO B 486 17.86 -1.47 -6.16
C PRO B 486 16.81 -1.71 -7.22
N GLY B 487 15.54 -1.60 -6.83
CA GLY B 487 14.46 -1.81 -7.77
C GLY B 487 14.12 -3.27 -7.96
N SER B 488 15.02 -4.17 -7.56
CA SER B 488 14.79 -5.60 -7.71
C SER B 488 14.35 -6.31 -6.43
N ASP B 489 13.70 -5.58 -5.52
CA ASP B 489 13.20 -6.16 -4.27
C ASP B 489 12.74 -5.12 -3.25
N SER B 490 11.89 -5.59 -2.36
CA SER B 490 11.31 -4.81 -1.29
C SER B 490 12.29 -3.94 -0.50
N ALA B 491 13.54 -4.38 -0.39
CA ALA B 491 14.53 -3.66 0.39
C ALA B 491 14.84 -2.20 0.06
N TRP B 492 14.90 -1.85 -1.22
CA TRP B 492 15.25 -0.47 -1.56
C TRP B 492 14.08 0.49 -1.79
N LEU B 493 14.27 1.74 -1.37
CA LEU B 493 13.26 2.79 -1.50
C LEU B 493 13.76 3.96 -2.34
N LYS B 494 13.03 4.29 -3.41
CA LYS B 494 13.39 5.41 -4.28
C LYS B 494 13.21 6.71 -3.51
N VAL B 495 14.28 7.47 -3.30
CA VAL B 495 14.10 8.73 -2.59
C VAL B 495 14.45 9.94 -3.45
N GLY B 496 15.08 9.72 -4.59
CA GLY B 496 15.44 10.84 -5.44
C GLY B 496 15.79 10.46 -6.87
N ARG B 497 16.00 11.50 -7.67
CA ARG B 497 16.37 11.34 -9.08
C ARG B 497 17.84 11.73 -9.27
N VAL B 498 18.51 10.96 -10.10
CA VAL B 498 19.90 11.21 -10.46
C VAL B 498 19.88 12.31 -11.53
N ALA B 499 20.75 13.29 -11.42
CA ALA B 499 20.78 14.37 -12.40
C ALA B 499 21.40 13.92 -13.72
C1 GOL C . -16.80 9.28 -1.24
O1 GOL C . -16.83 10.56 -0.63
C2 GOL C . -15.66 9.24 -2.25
O2 GOL C . -15.89 10.25 -3.23
C3 GOL C . -15.58 7.88 -2.96
O3 GOL C . -15.36 6.85 -2.00
C1 GOL D . -32.55 37.07 7.79
O1 GOL D . -33.43 36.02 8.17
C2 GOL D . -33.30 38.39 7.85
O2 GOL D . -32.43 39.46 7.46
C3 GOL D . -33.82 38.62 9.28
O3 GOL D . -32.72 38.64 10.21
C1 GOL E . 1.65 -7.66 16.55
O1 GOL E . 1.15 -8.53 15.53
C2 GOL E . 2.83 -8.34 17.30
O2 GOL E . 3.32 -7.47 18.33
C3 GOL E . 3.95 -8.64 16.30
O3 GOL E . 5.03 -9.23 16.99
C1 GOL F . 1.59 17.44 5.93
O1 GOL F . 1.85 17.69 4.54
C2 GOL F . 0.57 18.47 6.45
O2 GOL F . 0.33 18.29 7.86
C3 GOL F . -0.72 18.35 5.66
O3 GOL F . -1.66 19.29 6.16
C1 GOL G . 1.36 -1.15 12.26
O1 GOL G . 1.61 -0.62 13.56
C2 GOL G . 2.36 -0.57 11.25
O2 GOL G . 2.20 0.86 11.23
C3 GOL G . 2.08 -1.17 9.86
O3 GOL G . 3.00 -0.66 8.89
C1 GOL H . -0.97 -30.66 -3.61
O1 GOL H . -1.13 -29.32 -4.04
C2 GOL H . 0.47 -31.08 -3.89
O2 GOL H . 0.75 -30.96 -5.29
C3 GOL H . 0.66 -32.54 -3.44
O3 GOL H . -0.25 -33.38 -4.15
C1 GOL I . 11.22 -44.29 -15.82
O1 GOL I . 10.74 -43.53 -16.94
C2 GOL I . 11.28 -45.78 -16.20
O2 GOL I . 9.98 -46.23 -16.58
C3 GOL I . 11.79 -46.61 -15.02
O3 GOL I . 13.11 -46.17 -14.65
C1 GOL J . -3.79 19.43 -24.94
O1 GOL J . -4.62 19.74 -26.06
C2 GOL J . -2.69 20.48 -24.79
O2 GOL J . -1.86 20.11 -23.69
C3 GOL J . -3.29 21.88 -24.56
O3 GOL J . -4.13 22.30 -25.65
C1 GOL K . 16.84 -8.55 0.59
O1 GOL K . 16.29 -8.82 -0.70
C2 GOL K . 16.14 -9.43 1.63
O2 GOL K . 14.74 -9.13 1.59
C3 GOL K . 16.71 -9.15 3.02
O3 GOL K . 18.09 -9.44 3.05
C1 GOL L . -16.58 12.32 3.81
O1 GOL L . -15.97 13.10 2.80
C2 GOL L . -15.65 12.24 5.03
O2 GOL L . -16.27 11.44 6.03
C3 GOL L . -15.38 13.64 5.59
O3 GOL L . -14.52 13.56 6.73
C1 GOL M . -14.18 18.23 -2.89
O1 GOL M . -13.41 17.67 -1.82
C2 GOL M . -14.58 19.68 -2.55
O2 GOL M . -15.37 19.70 -1.35
C3 GOL M . -15.39 20.27 -3.71
O3 GOL M . -15.75 21.61 -3.43
C1 GOL N . 23.93 -24.53 12.13
O1 GOL N . 24.13 -25.95 12.25
C2 GOL N . 23.59 -24.13 10.67
O2 GOL N . 24.69 -24.52 9.80
C3 GOL N . 23.38 -22.63 10.55
O3 GOL N . 24.56 -21.93 10.94
C1 GOL O . 18.19 -10.83 10.48
O1 GOL O . 19.17 -10.05 11.15
C2 GOL O . 17.54 -11.78 11.47
O2 GOL O . 18.53 -12.64 12.07
C3 GOL O . 16.50 -12.62 10.74
O3 GOL O . 15.90 -13.52 11.67
C1 GOL P . -18.73 15.79 1.31
O1 GOL P . -18.75 14.92 2.46
C2 GOL P . -19.97 16.68 1.35
O2 GOL P . -21.15 15.88 1.36
C3 GOL P . -19.97 17.62 0.15
O3 GOL P . -21.12 18.46 0.21
C1 GOL Q . 21.64 -12.43 8.22
O1 GOL Q . 22.54 -11.52 7.58
C2 GOL Q . 21.85 -13.85 7.68
O2 GOL Q . 20.92 -14.73 8.32
C3 GOL Q . 23.29 -14.34 7.94
O3 GOL Q . 24.23 -13.48 7.29
C1 GOL R . 22.05 -21.46 7.90
O1 GOL R . 21.60 -21.60 6.56
C2 GOL R . 22.55 -20.03 8.13
O2 GOL R . 21.49 -19.11 7.90
C3 GOL R . 23.71 -19.74 7.18
O3 GOL R . 24.17 -18.40 7.40
C1 GOL S . 11.61 -16.58 -20.19
O1 GOL S . 11.55 -17.16 -21.49
C2 GOL S . 10.65 -17.30 -19.23
O2 GOL S . 9.32 -17.24 -19.75
C3 GOL S . 10.73 -16.63 -17.85
O3 GOL S . 9.86 -17.25 -16.90
C1 GOL T . -6.66 15.91 15.79
O1 GOL T . -5.70 16.64 15.00
C2 GOL T . -8.07 16.31 15.36
O2 GOL T . -8.24 17.71 15.55
C3 GOL T . -9.13 15.55 16.17
O3 GOL T . -8.99 15.86 17.57
C1 GOL U . -9.33 19.92 17.52
O1 GOL U . -8.08 20.52 17.87
C2 GOL U . -9.78 20.40 16.13
O2 GOL U . -9.93 21.83 16.11
C3 GOL U . -11.12 19.77 15.75
O3 GOL U . -11.00 18.35 15.70
OP GIO V . 21.50 -24.27 4.31
CP GIO V . 21.07 -24.66 5.39
CAP GIO V . 19.94 -25.70 5.45
CBP GIO V . 18.92 -25.47 4.32
CGP GIO V . 17.76 -26.29 4.87
CDP GIO V . 17.65 -25.78 6.31
NP GIO V . 19.07 -25.50 6.62
C GIO V . 19.64 -25.02 7.81
O GIO V . 18.92 -24.85 8.79
CA GIO V . 21.13 -24.68 7.89
N GIO V . 21.60 -24.16 6.59
S SO4 W . 6.92 -42.88 25.24
O1 SO4 W . 6.83 -43.03 26.71
O2 SO4 W . 8.34 -42.76 24.85
O3 SO4 W . 6.34 -44.08 24.60
O4 SO4 W . 6.16 -41.69 24.83
S SO4 X . -6.35 -23.54 4.87
O1 SO4 X . -7.69 -23.48 5.45
O2 SO4 X . -5.33 -23.24 5.90
O3 SO4 X . -6.13 -24.89 4.31
O4 SO4 X . -6.24 -22.54 3.79
C1 GOL Y . 18.40 -6.67 10.98
O1 GOL Y . 17.02 -6.32 11.10
C2 GOL Y . 18.79 -6.77 9.51
O2 GOL Y . 18.56 -5.50 8.88
C3 GOL Y . 17.94 -7.84 8.81
O3 GOL Y . 18.31 -7.93 7.44
OP GIO Z . -21.95 21.80 -9.51
CP GIO Z . -21.40 22.80 -9.06
CAP GIO Z . -20.41 23.58 -9.92
CBP GIO Z . -19.67 22.67 -10.89
CGP GIO Z . -18.48 23.55 -11.25
CDP GIO Z . -18.01 24.01 -9.86
NP GIO Z . -19.29 24.10 -9.12
C GIO Z . -19.52 24.50 -7.80
O GIO Z . -18.60 24.91 -7.11
CA GIO Z . -20.93 24.40 -7.19
N GIO Z . -21.64 23.23 -7.75
S SO4 AA . -29.31 45.42 -8.93
O1 SO4 AA . -30.66 46.00 -9.01
O2 SO4 AA . -28.76 45.26 -10.29
O3 SO4 AA . -28.41 46.33 -8.18
O4 SO4 AA . -29.39 44.11 -8.24
S SO4 BA . -7.56 49.30 -10.02
O1 SO4 BA . -7.51 50.31 -11.09
O2 SO4 BA . -7.95 48.01 -10.58
O3 SO4 BA . -6.23 49.18 -9.39
O4 SO4 BA . -8.56 49.73 -9.01
S SO4 CA . 5.79 21.49 -14.89
O1 SO4 CA . 4.62 21.82 -14.05
O2 SO4 CA . 7.02 21.91 -14.20
O3 SO4 CA . 5.83 20.03 -15.11
O4 SO4 CA . 5.70 22.18 -16.18
S SO4 DA . 30.84 6.83 -7.65
O1 SO4 DA . 29.52 6.58 -8.24
O2 SO4 DA . 30.76 8.00 -6.75
O3 SO4 DA . 31.29 5.66 -6.86
O4 SO4 DA . 31.81 7.08 -8.73
#